data_2IQA
#
_entry.id   2IQA
#
_cell.length_a   77.984
_cell.length_b   73.412
_cell.length_c   93.508
_cell.angle_alpha   90.00
_cell.angle_beta   99.97
_cell.angle_gamma   90.00
#
_symmetry.space_group_name_H-M   'P 1 21 1'
#
loop_
_entity.id
_entity.type
_entity.pdbx_description
1 polymer 'IgG2a Fab fragment PFA2 Kappa light chain'
2 polymer 'IgG2a Fab fragment PFA2 heavy chain'
3 non-polymer ACETAMIDE
4 non-polymer GLYCEROL
5 non-polymer 'CHLORIDE ION'
6 water water
#
loop_
_entity_poly.entity_id
_entity_poly.type
_entity_poly.pdbx_seq_one_letter_code
_entity_poly.pdbx_strand_id
1 'polypeptide(L)'
;DVLMTQTPLSLPVSLGDQASISCRSSQSIVHSNGNTYLEWYLQKPGQSPKLLIYKVSNRFSGVPDRFSGSGSGTDFTLKI
SRVEAEDLGVYYCFQGSHVPLTFGAGTKLEIKRADAAPTVSIFPPSSEQLTSGGASVVCFLNNFYPKDINVKWKIDGSER
QNGVLNSWTDQDSKDSTYSMSSTLTLTKDEYERHNSYTCEATHKTSTSPIVKSFNRNEC
;
L,A
2 'polypeptide(L)'
;QVTLKESGPGILKPSQTLSLTCSLSGFSLRTSGMGVGWIRQPSGKGLEWLAHIWWDDDKNYNPSLKSQLTISKDTSRNQV
FLKITSVDTADTATYYCVRRAHNVVLGDWFAYWGQGTLVTVSAAKTTAPSVYPLAPVCGGTTGSSVTLGCLVKGYFPEPV
TLTWNSGSLSSGVHTFPAVLQSGLYTLSSSVTVTSSTWPSQSITCNVAHPASSTKVDKKIEPR
;
H,B
#
loop_
_chem_comp.id
_chem_comp.type
_chem_comp.name
_chem_comp.formula
ACM non-polymer ACETAMIDE 'C2 H5 N O'
CL non-polymer 'CHLORIDE ION' 'Cl -1'
GOL non-polymer GLYCEROL 'C3 H8 O3'
#
# COMPACT_ATOMS: atom_id res chain seq x y z
N ASP A 1 17.66 6.75 -7.92
CA ASP A 1 17.20 5.52 -8.62
C ASP A 1 18.40 4.86 -9.30
N VAL A 2 18.28 3.54 -9.53
CA VAL A 2 19.31 2.80 -10.21
C VAL A 2 19.12 2.97 -11.74
N LEU A 3 20.17 3.44 -12.42
CA LEU A 3 20.16 3.60 -13.87
C LEU A 3 20.66 2.33 -14.56
N MET A 4 19.81 1.74 -15.40
CA MET A 4 20.23 0.62 -16.24
C MET A 4 20.70 1.18 -17.57
N THR A 5 22.00 1.17 -17.81
CA THR A 5 22.57 1.69 -19.06
C THR A 5 22.79 0.56 -20.07
N GLN A 6 22.03 0.58 -21.16
CA GLN A 6 22.10 -0.43 -22.23
C GLN A 6 22.97 -0.01 -23.43
N THR A 7 23.79 -0.94 -23.94
CA THR A 7 24.71 -0.68 -25.06
C THR A 7 24.79 -1.89 -26.03
N PRO A 8 24.65 -1.65 -27.36
CA PRO A 8 24.33 -0.41 -28.06
C PRO A 8 22.82 -0.21 -28.13
N LEU A 9 22.37 0.92 -28.66
CA LEU A 9 20.94 1.15 -28.77
C LEU A 9 20.35 0.65 -30.08
N SER A 10 21.21 0.55 -31.10
CA SER A 10 20.86 -0.06 -32.37
C SER A 10 21.85 -1.20 -32.65
N LEU A 11 21.34 -2.40 -32.94
CA LEU A 11 22.19 -3.56 -33.28
C LEU A 11 21.79 -4.22 -34.59
N PRO A 12 22.36 -3.75 -35.70
CA PRO A 12 22.14 -4.44 -36.95
C PRO A 12 22.99 -5.73 -36.99
N VAL A 13 22.39 -6.84 -37.39
CA VAL A 13 23.09 -8.13 -37.48
C VAL A 13 22.65 -8.87 -38.72
N SER A 14 23.49 -9.75 -39.25
CA SER A 14 23.06 -10.63 -40.33
C SER A 14 22.49 -11.89 -39.74
N LEU A 15 21.53 -12.53 -40.42
CA LEU A 15 21.06 -13.82 -39.93
C LEU A 15 22.25 -14.78 -39.82
N GLY A 16 22.27 -15.54 -38.72
CA GLY A 16 23.35 -16.49 -38.47
C GLY A 16 24.51 -15.96 -37.64
N ASP A 17 24.60 -14.63 -37.53
CA ASP A 17 25.65 -14.00 -36.74
C ASP A 17 25.32 -13.96 -35.24
N GLN A 18 26.29 -13.57 -34.42
CA GLN A 18 26.08 -13.45 -32.98
C GLN A 18 25.83 -11.99 -32.60
N ALA A 19 24.91 -11.80 -31.67
CA ALA A 19 24.59 -10.50 -31.11
C ALA A 19 24.86 -10.50 -29.60
N SER A 20 25.54 -9.47 -29.11
CA SER A 20 25.82 -9.31 -27.68
CA SER A 20 25.79 -9.31 -27.68
C SER A 20 25.31 -7.94 -27.22
N ILE A 21 24.57 -7.91 -26.11
CA ILE A 21 23.97 -6.68 -25.60
C ILE A 21 24.41 -6.48 -24.14
N SER A 22 24.97 -5.31 -23.86
CA SER A 22 25.51 -5.01 -22.55
C SER A 22 24.45 -4.27 -21.73
N CYS A 23 24.32 -4.62 -20.45
CA CYS A 23 23.50 -3.85 -19.54
C CYS A 23 24.34 -3.58 -18.29
N ARG A 24 24.56 -2.31 -17.96
CA ARG A 24 25.34 -1.96 -16.77
C ARG A 24 24.51 -1.14 -15.80
N SER A 25 24.50 -1.51 -14.52
CA SER A 25 23.68 -0.77 -13.56
C SER A 25 24.53 0.23 -12.81
N SER A 26 23.90 1.31 -12.34
CA SER A 26 24.60 2.36 -11.62
C SER A 26 24.99 1.93 -10.20
N GLN A 27 24.23 0.98 -9.65
CA GLN A 27 24.52 0.41 -8.35
C GLN A 27 24.34 -1.09 -8.41
N SER A 28 24.85 -1.80 -7.40
CA SER A 28 24.66 -3.23 -7.27
C SER A 28 23.18 -3.51 -7.33
N ILE A 29 22.79 -4.61 -7.98
CA ILE A 29 21.38 -5.00 -8.02
C ILE A 29 21.21 -6.34 -7.33
N VAL A 30 22.15 -6.59 -6.42
CA VAL A 30 22.03 -7.70 -5.51
C VAL A 30 21.02 -7.24 -4.47
N HIS A 31 19.89 -7.94 -4.42
CA HIS A 31 18.84 -7.74 -3.43
C HIS A 31 19.35 -8.10 -2.03
N SER A 32 18.67 -7.60 -1.00
CA SER A 32 19.08 -7.92 0.37
C SER A 32 18.97 -9.42 0.69
N ASN A 33 18.15 -10.15 -0.08
CA ASN A 33 18.04 -11.62 0.08
C ASN A 33 19.13 -12.40 -0.68
N GLY A 34 20.07 -11.69 -1.31
CA GLY A 34 21.22 -12.32 -1.97
C GLY A 34 21.04 -12.70 -3.43
N ASN A 35 19.84 -12.49 -3.97
CA ASN A 35 19.54 -12.75 -5.38
C ASN A 35 19.71 -11.52 -6.22
N THR A 36 19.98 -11.71 -7.51
CA THR A 36 20.09 -10.59 -8.45
C THR A 36 18.92 -10.69 -9.40
N TYR A 37 18.00 -9.74 -9.28
CA TYR A 37 16.77 -9.78 -10.04
C TYR A 37 16.95 -8.98 -11.30
N LEU A 38 17.70 -9.55 -12.23
CA LEU A 38 17.96 -8.92 -13.51
C LEU A 38 17.25 -9.76 -14.56
N GLU A 39 16.38 -9.11 -15.33
CA GLU A 39 15.66 -9.75 -16.42
C GLU A 39 15.93 -9.05 -17.76
N TRP A 40 15.78 -9.83 -18.84
CA TRP A 40 15.78 -9.33 -20.22
C TRP A 40 14.42 -9.60 -20.84
N TYR A 41 13.87 -8.60 -21.53
CA TYR A 41 12.57 -8.65 -22.21
C TYR A 41 12.79 -8.36 -23.70
N LEU A 42 11.92 -8.92 -24.55
CA LEU A 42 11.90 -8.66 -26.00
C LEU A 42 10.49 -8.20 -26.40
N GLN A 43 10.43 -7.02 -27.03
CA GLN A 43 9.19 -6.48 -27.52
C GLN A 43 9.21 -6.31 -29.03
N LYS A 44 8.23 -6.88 -29.69
CA LYS A 44 8.06 -6.70 -31.13
C LYS A 44 6.91 -5.72 -31.38
N PRO A 45 6.89 -5.06 -32.57
CA PRO A 45 5.87 -4.06 -32.93
C PRO A 45 4.47 -4.50 -32.57
N GLY A 46 3.74 -3.60 -31.91
CA GLY A 46 2.34 -3.80 -31.55
C GLY A 46 2.02 -4.93 -30.59
N GLN A 47 2.99 -5.31 -29.75
CA GLN A 47 2.78 -6.42 -28.78
C GLN A 47 3.38 -6.03 -27.46
N SER A 48 2.96 -6.73 -26.42
CA SER A 48 3.53 -6.56 -25.09
CA SER A 48 3.54 -6.55 -25.09
C SER A 48 4.95 -7.13 -25.08
N PRO A 49 5.83 -6.59 -24.21
CA PRO A 49 7.15 -7.22 -24.07
C PRO A 49 7.00 -8.65 -23.57
N LYS A 50 7.94 -9.51 -23.95
CA LYS A 50 7.92 -10.91 -23.55
C LYS A 50 9.19 -11.19 -22.75
N LEU A 51 9.06 -11.93 -21.67
CA LEU A 51 10.19 -12.30 -20.86
C LEU A 51 11.07 -13.34 -21.57
N LEU A 52 12.39 -13.08 -21.58
CA LEU A 52 13.37 -14.06 -22.10
C LEU A 52 14.24 -14.69 -21.01
N ILE A 53 14.78 -13.84 -20.15
CA ILE A 53 15.75 -14.29 -19.14
C ILE A 53 15.41 -13.68 -17.77
N TYR A 54 15.51 -14.47 -16.70
CA TYR A 54 15.30 -13.97 -15.34
C TYR A 54 16.43 -14.38 -14.40
N LYS A 55 16.53 -13.69 -13.25
CA LYS A 55 17.63 -13.89 -12.32
C LYS A 55 18.96 -14.07 -13.07
N VAL A 56 19.22 -13.14 -14.01
CA VAL A 56 20.47 -12.98 -14.77
C VAL A 56 20.73 -13.99 -15.90
N SER A 57 20.41 -15.25 -15.66
CA SER A 57 20.97 -16.35 -16.46
C SER A 57 20.01 -17.50 -16.77
N ASN A 58 18.78 -17.41 -16.27
CA ASN A 58 17.80 -18.47 -16.50
C ASN A 58 16.90 -18.13 -17.66
N ARG A 59 16.75 -19.09 -18.57
CA ARG A 59 15.86 -18.94 -19.73
C ARG A 59 14.41 -19.24 -19.36
N PHE A 60 13.53 -18.30 -19.70
CA PHE A 60 12.09 -18.49 -19.54
C PHE A 60 11.56 -19.54 -20.53
N SER A 61 10.35 -20.02 -20.26
CA SER A 61 9.71 -21.00 -21.11
C SER A 61 9.72 -20.54 -22.57
N GLY A 62 10.16 -21.43 -23.46
CA GLY A 62 10.04 -21.20 -24.90
C GLY A 62 11.22 -20.48 -25.53
N VAL A 63 12.13 -19.99 -24.69
CA VAL A 63 13.34 -19.34 -25.14
C VAL A 63 14.39 -20.39 -25.55
N PRO A 64 14.87 -20.35 -26.80
CA PRO A 64 15.84 -21.40 -27.18
C PRO A 64 17.24 -21.27 -26.55
N ASP A 65 18.01 -22.35 -26.51
CA ASP A 65 19.35 -22.32 -25.89
C ASP A 65 20.36 -21.41 -26.62
N ARG A 66 19.97 -20.78 -27.73
CA ARG A 66 20.83 -19.76 -28.37
C ARG A 66 20.92 -18.47 -27.57
N PHE A 67 19.97 -18.27 -26.67
CA PHE A 67 19.98 -17.10 -25.79
C PHE A 67 20.62 -17.51 -24.50
N SER A 68 21.58 -16.72 -24.02
CA SER A 68 22.12 -16.95 -22.69
C SER A 68 22.41 -15.63 -21.99
N GLY A 69 22.03 -15.56 -20.73
CA GLY A 69 22.32 -14.38 -19.94
C GLY A 69 23.45 -14.68 -19.00
N SER A 70 24.28 -13.68 -18.75
CA SER A 70 25.38 -13.81 -17.81
C SER A 70 25.70 -12.48 -17.14
N GLY A 71 26.59 -12.51 -16.15
CA GLY A 71 27.04 -11.31 -15.47
C GLY A 71 26.84 -11.37 -13.97
N SER A 72 27.21 -10.29 -13.30
CA SER A 72 27.11 -10.19 -11.84
C SER A 72 27.37 -8.77 -11.34
N GLY A 73 26.74 -8.44 -10.21
CA GLY A 73 26.94 -7.15 -9.56
C GLY A 73 26.30 -6.01 -10.31
N THR A 74 27.09 -5.37 -11.18
CA THR A 74 26.65 -4.24 -12.02
C THR A 74 26.91 -4.43 -13.53
N ASP A 75 27.50 -5.56 -13.93
CA ASP A 75 27.80 -5.80 -15.35
C ASP A 75 27.12 -7.06 -15.88
N PHE A 76 26.27 -6.89 -16.89
CA PHE A 76 25.43 -7.97 -17.39
C PHE A 76 25.42 -8.00 -18.91
N THR A 77 25.26 -9.19 -19.48
CA THR A 77 25.33 -9.37 -20.93
C THR A 77 24.28 -10.36 -21.42
N LEU A 78 23.54 -9.99 -22.47
CA LEU A 78 22.72 -10.95 -23.18
C LEU A 78 23.42 -11.33 -24.49
N LYS A 79 23.57 -12.62 -24.76
CA LYS A 79 24.18 -13.12 -26.00
C LYS A 79 23.20 -13.95 -26.80
N ILE A 80 23.07 -13.66 -28.08
CA ILE A 80 22.24 -14.46 -28.98
C ILE A 80 23.15 -14.99 -30.05
N SER A 81 23.31 -16.31 -30.09
CA SER A 81 24.08 -16.94 -31.15
C SER A 81 23.14 -17.22 -32.32
N ARG A 82 23.69 -17.18 -33.53
CA ARG A 82 22.93 -17.51 -34.74
C ARG A 82 21.52 -16.88 -34.76
N VAL A 83 21.51 -15.55 -34.79
CA VAL A 83 20.27 -14.78 -34.83
C VAL A 83 19.32 -15.24 -35.93
N GLU A 84 18.05 -15.43 -35.57
CA GLU A 84 16.99 -15.75 -36.51
C GLU A 84 15.99 -14.59 -36.59
N ALA A 85 15.21 -14.58 -37.66
CA ALA A 85 14.23 -13.54 -37.92
C ALA A 85 13.31 -13.31 -36.73
N GLU A 86 12.80 -14.40 -36.15
CA GLU A 86 11.93 -14.33 -34.98
C GLU A 86 12.56 -13.61 -33.76
N ASP A 87 13.89 -13.42 -33.79
CA ASP A 87 14.61 -12.78 -32.69
C ASP A 87 14.64 -11.26 -32.81
N LEU A 88 14.26 -10.72 -33.96
CA LEU A 88 14.38 -9.28 -34.18
C LEU A 88 13.29 -8.50 -33.45
N GLY A 89 13.67 -7.38 -32.85
CA GLY A 89 12.76 -6.59 -32.05
C GLY A 89 13.56 -5.72 -31.09
N VAL A 90 12.90 -5.21 -30.05
CA VAL A 90 13.59 -4.38 -29.09
C VAL A 90 13.77 -5.11 -27.76
N TYR A 91 15.03 -5.17 -27.33
CA TYR A 91 15.45 -5.84 -26.11
C TYR A 91 15.60 -4.84 -25.00
N TYR A 92 15.03 -5.16 -23.83
CA TYR A 92 15.14 -4.32 -22.63
C TYR A 92 15.70 -5.12 -21.48
N CYS A 93 16.74 -4.61 -20.83
CA CYS A 93 17.14 -5.13 -19.51
C CYS A 93 16.36 -4.44 -18.41
N PHE A 94 16.42 -4.97 -17.21
CA PHE A 94 15.56 -4.52 -16.12
C PHE A 94 16.13 -5.06 -14.81
N GLN A 95 16.03 -4.25 -13.76
CA GLN A 95 16.35 -4.67 -12.41
C GLN A 95 15.11 -4.59 -11.53
N GLY A 96 14.80 -5.69 -10.87
CA GLY A 96 13.72 -5.75 -9.90
C GLY A 96 14.19 -5.78 -8.46
N SER A 97 15.43 -5.34 -8.21
CA SER A 97 16.00 -5.41 -6.84
C SER A 97 15.70 -4.20 -5.96
N HIS A 98 15.76 -3.00 -6.55
CA HIS A 98 15.59 -1.73 -5.83
C HIS A 98 14.46 -0.86 -6.40
N VAL A 99 13.58 -0.38 -5.52
CA VAL A 99 12.48 0.53 -5.89
C VAL A 99 13.01 1.98 -6.07
N PRO A 100 12.63 2.67 -7.17
CA PRO A 100 11.76 2.25 -8.26
C PRO A 100 12.48 1.27 -9.12
N LEU A 101 11.74 0.28 -9.58
CA LEU A 101 12.27 -0.72 -10.49
C LEU A 101 12.47 -0.02 -11.83
N THR A 102 13.54 -0.40 -12.54
CA THR A 102 13.92 0.35 -13.75
C THR A 102 14.34 -0.55 -14.90
N PHE A 103 13.98 -0.11 -16.10
CA PHE A 103 14.34 -0.72 -17.37
C PHE A 103 15.47 0.06 -18.03
N GLY A 104 16.28 -0.64 -18.82
CA GLY A 104 17.20 0.02 -19.73
C GLY A 104 16.42 0.63 -20.89
N ALA A 105 17.09 1.45 -21.69
CA ALA A 105 16.46 2.25 -22.76
C ALA A 105 16.01 1.47 -23.99
N GLY A 106 16.55 0.27 -24.18
CA GLY A 106 16.16 -0.58 -25.29
C GLY A 106 17.29 -0.69 -26.31
N THR A 107 17.43 -1.88 -26.89
CA THR A 107 18.38 -2.13 -27.97
C THR A 107 17.55 -2.66 -29.10
N LYS A 108 17.59 -2.03 -30.26
CA LYS A 108 16.87 -2.55 -31.41
C LYS A 108 17.72 -3.54 -32.21
N LEU A 109 17.30 -4.80 -32.21
CA LEU A 109 17.96 -5.80 -33.03
C LEU A 109 17.29 -5.84 -34.41
N GLU A 110 18.03 -5.48 -35.45
CA GLU A 110 17.51 -5.34 -36.80
C GLU A 110 18.42 -6.07 -37.77
N ILE A 111 17.91 -6.41 -38.97
CA ILE A 111 18.74 -7.11 -39.98
CA ILE A 111 18.72 -7.10 -39.98
C ILE A 111 19.62 -6.15 -40.78
N LYS A 112 20.90 -6.49 -40.89
CA LYS A 112 21.83 -5.84 -41.83
C LYS A 112 21.44 -6.28 -43.23
N ARG A 113 21.54 -5.37 -44.18
CA ARG A 113 21.36 -5.70 -45.59
C ARG A 113 22.27 -4.75 -46.36
N ALA A 114 22.44 -4.99 -47.66
CA ALA A 114 23.25 -4.10 -48.48
C ALA A 114 22.65 -2.69 -48.48
N ASP A 115 23.51 -1.68 -48.57
CA ASP A 115 23.05 -0.29 -48.72
C ASP A 115 22.13 -0.13 -49.90
N ALA A 116 21.10 0.69 -49.71
CA ALA A 116 20.07 0.91 -50.71
C ALA A 116 19.75 2.39 -50.76
N ALA A 117 19.63 2.94 -51.97
CA ALA A 117 19.29 4.34 -52.16
C ALA A 117 17.78 4.53 -52.20
N PRO A 118 17.28 5.61 -51.57
CA PRO A 118 15.84 5.91 -51.59
C PRO A 118 15.30 6.22 -52.98
N THR A 119 14.09 5.74 -53.24
CA THR A 119 13.26 6.24 -54.32
C THR A 119 12.50 7.45 -53.75
N VAL A 120 12.88 8.63 -54.22
CA VAL A 120 12.43 9.91 -53.68
C VAL A 120 11.34 10.50 -54.56
N SER A 121 10.26 10.94 -53.92
CA SER A 121 9.13 11.51 -54.64
C SER A 121 8.61 12.75 -53.89
N ILE A 122 8.51 13.86 -54.61
CA ILE A 122 7.99 15.11 -54.05
C ILE A 122 6.56 15.44 -54.55
N PHE A 123 5.75 16.01 -53.66
CA PHE A 123 4.35 16.31 -53.98
C PHE A 123 3.95 17.70 -53.49
N PRO A 124 3.52 18.58 -54.41
CA PRO A 124 3.02 19.90 -54.02
C PRO A 124 1.71 19.77 -53.24
N PRO A 125 1.24 20.84 -52.60
CA PRO A 125 -0.08 20.74 -52.00
C PRO A 125 -1.13 20.47 -53.04
N SER A 126 -2.20 19.79 -52.63
CA SER A 126 -3.30 19.48 -53.50
C SER A 126 -4.14 20.74 -53.63
N SER A 127 -4.92 20.84 -54.70
CA SER A 127 -5.86 21.95 -54.83
C SER A 127 -6.86 21.91 -53.67
N GLU A 128 -7.27 20.71 -53.26
CA GLU A 128 -8.17 20.57 -52.12
C GLU A 128 -7.64 21.25 -50.87
N GLN A 129 -6.38 21.01 -50.54
CA GLN A 129 -5.79 21.62 -49.35
C GLN A 129 -5.68 23.11 -49.52
N LEU A 130 -5.27 23.55 -50.71
CA LEU A 130 -5.12 24.99 -50.97
C LEU A 130 -6.45 25.75 -50.84
N THR A 131 -7.56 25.22 -51.36
CA THR A 131 -8.88 25.87 -51.16
C THR A 131 -9.36 25.92 -49.69
N SER A 132 -8.86 25.01 -48.84
CA SER A 132 -9.04 25.11 -47.40
C SER A 132 -8.00 25.99 -46.70
N GLY A 133 -7.10 26.60 -47.48
CA GLY A 133 -6.20 27.61 -46.95
C GLY A 133 -4.94 27.06 -46.33
N GLY A 134 -4.63 25.79 -46.63
CA GLY A 134 -3.40 25.16 -46.15
C GLY A 134 -2.45 24.82 -47.28
N ALA A 135 -1.22 24.46 -46.91
CA ALA A 135 -0.23 23.99 -47.86
C ALA A 135 0.68 23.00 -47.17
N SER A 136 0.74 21.78 -47.68
CA SER A 136 1.73 20.83 -47.19
C SER A 136 2.47 20.30 -48.38
N VAL A 137 3.79 20.31 -48.29
CA VAL A 137 4.63 19.76 -49.34
C VAL A 137 5.18 18.46 -48.77
N VAL A 138 4.95 17.36 -49.47
CA VAL A 138 5.29 16.02 -48.97
C VAL A 138 6.40 15.41 -49.80
N CYS A 139 7.34 14.75 -49.11
CA CYS A 139 8.40 14.01 -49.77
C CYS A 139 8.51 12.61 -49.16
N PHE A 140 8.40 11.58 -50.00
CA PHE A 140 8.60 10.20 -49.59
C PHE A 140 10.03 9.77 -49.94
N LEU A 141 10.76 9.26 -48.95
CA LEU A 141 12.06 8.61 -49.16
C LEU A 141 11.84 7.14 -48.86
N ASN A 142 11.74 6.32 -49.90
CA ASN A 142 11.28 4.94 -49.75
C ASN A 142 12.32 3.86 -50.06
N ASN A 143 12.24 2.77 -49.28
CA ASN A 143 13.03 1.55 -49.49
C ASN A 143 14.53 1.81 -49.54
N PHE A 144 15.04 2.43 -48.47
CA PHE A 144 16.47 2.68 -48.33
C PHE A 144 17.05 1.92 -47.13
N TYR A 145 18.38 1.80 -47.14
CA TYR A 145 19.15 1.23 -46.04
C TYR A 145 20.52 1.87 -46.04
N PRO A 146 21.03 2.24 -44.85
CA PRO A 146 20.48 2.07 -43.50
C PRO A 146 19.44 3.11 -43.08
N LYS A 147 18.88 2.94 -41.89
CA LYS A 147 17.77 3.76 -41.39
C LYS A 147 18.08 5.25 -41.34
N ASP A 148 19.30 5.61 -40.96
CA ASP A 148 19.64 7.00 -40.75
C ASP A 148 20.02 7.79 -42.01
N ILE A 149 19.03 8.00 -42.88
CA ILE A 149 19.18 8.93 -44.01
C ILE A 149 18.98 10.36 -43.53
N ASN A 150 19.50 11.34 -44.26
CA ASN A 150 19.26 12.74 -43.95
C ASN A 150 18.39 13.41 -45.03
N VAL A 151 17.41 14.20 -44.62
CA VAL A 151 16.55 14.90 -45.56
C VAL A 151 16.63 16.41 -45.32
N LYS A 152 16.88 17.18 -46.38
CA LYS A 152 16.72 18.63 -46.29
C LYS A 152 15.83 19.27 -47.36
N TRP A 153 15.13 20.31 -46.92
CA TRP A 153 14.23 21.09 -47.73
C TRP A 153 14.90 22.40 -48.11
N LYS A 154 14.72 22.78 -49.38
CA LYS A 154 15.11 24.10 -49.83
C LYS A 154 13.87 24.76 -50.42
N ILE A 155 13.71 26.06 -50.15
CA ILE A 155 12.68 26.89 -50.76
C ILE A 155 13.36 28.09 -51.44
N ASP A 156 13.32 28.10 -52.77
CA ASP A 156 13.95 29.14 -53.56
C ASP A 156 15.44 29.26 -53.20
N GLY A 157 16.10 28.10 -53.06
CA GLY A 157 17.53 28.04 -52.76
C GLY A 157 17.89 28.09 -51.29
N SER A 158 17.02 28.70 -50.50
CA SER A 158 17.21 28.79 -49.06
C SER A 158 16.74 27.50 -48.39
N GLU A 159 17.68 26.83 -47.71
CA GLU A 159 17.35 25.66 -46.89
C GLU A 159 16.41 26.12 -45.80
N ARG A 160 15.40 25.31 -45.49
CA ARG A 160 14.45 25.65 -44.43
C ARG A 160 14.14 24.47 -43.50
N GLN A 161 14.21 24.75 -42.20
CA GLN A 161 14.20 23.72 -41.15
C GLN A 161 12.95 23.74 -40.24
N ASN A 162 12.22 24.85 -40.26
CA ASN A 162 10.99 25.00 -39.47
C ASN A 162 9.75 24.46 -40.17
N GLY A 163 8.80 23.92 -39.40
CA GLY A 163 7.57 23.34 -39.94
C GLY A 163 7.72 22.01 -40.67
N VAL A 164 8.88 21.38 -40.52
CA VAL A 164 9.13 20.07 -41.12
C VAL A 164 8.87 18.95 -40.09
N LEU A 165 7.97 18.03 -40.44
CA LEU A 165 7.65 16.86 -39.62
C LEU A 165 7.97 15.57 -40.37
N ASN A 166 8.72 14.69 -39.71
CA ASN A 166 9.17 13.44 -40.32
C ASN A 166 8.55 12.23 -39.64
N SER A 167 8.40 11.16 -40.40
CA SER A 167 7.90 9.91 -39.86
C SER A 167 8.55 8.71 -40.55
N TRP A 168 8.86 7.68 -39.77
CA TRP A 168 9.58 6.48 -40.28
C TRP A 168 8.78 5.19 -40.15
N THR A 169 8.89 4.31 -41.14
CA THR A 169 8.37 2.96 -41.00
C THR A 169 9.35 2.12 -40.17
N ASP A 170 8.87 0.99 -39.67
CA ASP A 170 9.73 -0.08 -39.14
C ASP A 170 10.41 -0.79 -40.31
N GLN A 171 11.44 -1.57 -40.04
CA GLN A 171 12.11 -2.32 -41.10
C GLN A 171 11.14 -3.25 -41.84
N ASP A 172 11.18 -3.21 -43.16
CA ASP A 172 10.28 -4.04 -43.98
C ASP A 172 10.62 -5.53 -43.81
N SER A 173 9.60 -6.38 -43.65
CA SER A 173 9.85 -7.81 -43.40
C SER A 173 10.34 -8.55 -44.63
N LYS A 174 9.99 -8.05 -45.82
CA LYS A 174 10.36 -8.70 -47.06
C LYS A 174 11.73 -8.29 -47.60
N ASP A 175 11.99 -6.98 -47.72
CA ASP A 175 13.28 -6.51 -48.22
C ASP A 175 14.23 -5.83 -47.19
N SER A 176 13.87 -5.84 -45.91
CA SER A 176 14.71 -5.29 -44.83
C SER A 176 15.11 -3.81 -44.96
N THR A 177 14.41 -3.04 -45.81
CA THR A 177 14.70 -1.62 -45.94
C THR A 177 13.81 -0.76 -45.04
N TYR A 178 14.12 0.53 -45.01
CA TYR A 178 13.33 1.53 -44.28
C TYR A 178 12.66 2.52 -45.26
N SER A 179 11.55 3.11 -44.83
CA SER A 179 10.93 4.23 -45.52
C SER A 179 10.64 5.39 -44.60
N MET A 180 10.50 6.57 -45.18
CA MET A 180 10.32 7.79 -44.42
C MET A 180 9.45 8.79 -45.19
N SER A 181 8.67 9.55 -44.44
CA SER A 181 7.88 10.62 -45.01
C SER A 181 8.31 11.93 -44.36
N SER A 182 8.46 12.96 -45.18
CA SER A 182 8.88 14.29 -44.73
C SER A 182 7.88 15.29 -45.29
N THR A 183 7.24 16.02 -44.39
CA THR A 183 6.20 16.96 -44.76
C THR A 183 6.54 18.34 -44.25
N LEU A 184 6.73 19.26 -45.18
CA LEU A 184 6.87 20.68 -44.90
C LEU A 184 5.49 21.33 -44.90
N THR A 185 5.05 21.85 -43.75
CA THR A 185 3.75 22.52 -43.73
C THR A 185 3.96 24.02 -43.59
N LEU A 186 3.25 24.75 -44.45
CA LEU A 186 3.35 26.21 -44.54
C LEU A 186 1.95 26.76 -44.47
N THR A 187 1.85 28.06 -44.22
CA THR A 187 0.63 28.78 -44.50
C THR A 187 0.51 28.83 -46.02
N LYS A 188 -0.73 28.80 -46.52
CA LYS A 188 -0.98 28.98 -47.94
C LYS A 188 -0.31 30.26 -48.44
N ASP A 189 -0.33 31.30 -47.60
CA ASP A 189 0.25 32.59 -47.95
C ASP A 189 1.75 32.51 -48.18
N GLU A 190 2.49 31.85 -47.27
CA GLU A 190 3.95 31.74 -47.44
C GLU A 190 4.29 30.76 -48.55
N TYR A 191 3.41 29.79 -48.76
CA TYR A 191 3.61 28.85 -49.86
C TYR A 191 3.62 29.58 -51.20
N GLU A 192 2.69 30.52 -51.35
CA GLU A 192 2.48 31.19 -52.63
C GLU A 192 3.44 32.38 -52.81
N ARG A 193 4.34 32.54 -51.86
CA ARG A 193 5.35 33.57 -51.90
C ARG A 193 6.65 33.01 -52.46
N HIS A 194 6.64 31.73 -52.80
CA HIS A 194 7.84 31.10 -53.34
C HIS A 194 7.56 30.20 -54.50
N ASN A 195 8.58 30.00 -55.32
CA ASN A 195 8.42 29.29 -56.57
C ASN A 195 8.97 27.87 -56.49
N SER A 196 10.22 27.76 -56.09
CA SER A 196 10.97 26.50 -56.17
C SER A 196 10.91 25.71 -54.87
N TYR A 197 10.50 24.45 -54.94
CA TYR A 197 10.47 23.55 -53.74
C TYR A 197 11.33 22.32 -53.95
N THR A 198 12.28 22.11 -53.03
CA THR A 198 13.27 21.03 -53.21
C THR A 198 13.33 20.09 -52.01
N CYS A 199 13.28 18.79 -52.28
CA CYS A 199 13.55 17.75 -51.30
C CYS A 199 14.84 17.01 -51.71
N GLU A 200 15.85 17.04 -50.85
CA GLU A 200 17.11 16.32 -51.11
C GLU A 200 17.46 15.29 -50.03
N ALA A 201 17.66 14.04 -50.47
CA ALA A 201 17.97 12.93 -49.57
C ALA A 201 19.44 12.55 -49.68
N THR A 202 20.15 12.70 -48.57
CA THR A 202 21.57 12.37 -48.47
C THR A 202 21.77 11.21 -47.48
N HIS A 203 22.20 10.07 -48.00
CA HIS A 203 22.50 8.97 -47.12
C HIS A 203 23.84 9.26 -46.46
N LYS A 204 24.00 8.73 -45.26
CA LYS A 204 25.29 8.39 -44.70
C LYS A 204 26.43 9.43 -44.83
N THR A 205 27.33 9.10 -45.74
CA THR A 205 28.64 9.65 -45.87
C THR A 205 28.75 10.22 -47.29
N SER A 206 27.59 10.42 -47.90
CA SER A 206 27.44 11.06 -49.21
C SER A 206 27.26 12.58 -48.96
N THR A 207 27.91 13.49 -49.71
CA THR A 207 28.51 13.34 -51.04
C THR A 207 27.47 13.74 -52.10
N SER A 208 26.69 12.78 -52.61
CA SER A 208 25.76 13.09 -53.69
C SER A 208 24.29 12.90 -53.31
N PRO A 209 23.60 14.00 -53.02
CA PRO A 209 22.15 14.00 -52.79
C PRO A 209 21.35 13.45 -53.96
N ILE A 210 20.27 12.74 -53.65
CA ILE A 210 19.20 12.54 -54.61
C ILE A 210 18.26 13.71 -54.38
N VAL A 211 18.08 14.51 -55.42
CA VAL A 211 17.29 15.75 -55.35
C VAL A 211 16.01 15.59 -56.15
N LYS A 212 14.89 15.89 -55.51
CA LYS A 212 13.62 16.04 -56.22
C LYS A 212 13.05 17.46 -56.02
N SER A 213 12.55 18.02 -57.12
CA SER A 213 12.13 19.40 -57.20
C SER A 213 10.86 19.61 -58.01
N PHE A 214 10.21 20.73 -57.73
CA PHE A 214 9.21 21.29 -58.61
C PHE A 214 9.23 22.81 -58.47
N ASN A 215 8.80 23.48 -59.53
CA ASN A 215 8.74 24.93 -59.56
C ASN A 215 7.32 25.33 -59.88
N ARG A 216 6.69 26.09 -58.99
CA ARG A 216 5.30 26.55 -59.20
C ARG A 216 5.05 27.36 -60.48
N ASN A 217 6.11 27.93 -61.06
CA ASN A 217 6.03 28.67 -62.32
C ASN A 217 5.89 27.74 -63.53
N GLU A 218 5.62 26.46 -63.24
CA GLU A 218 5.46 25.42 -64.26
C GLU A 218 4.31 24.46 -63.94
N CYS A 219 3.94 24.36 -62.67
CA CYS A 219 2.96 23.33 -62.22
C CYS A 219 1.55 23.77 -62.59
N GLN B 1 -4.98 -20.27 -19.00
CA GLN B 1 -4.28 -18.96 -19.20
C GLN B 1 -4.40 -18.03 -17.99
N VAL B 2 -3.26 -17.72 -17.37
CA VAL B 2 -3.17 -16.65 -16.36
C VAL B 2 -3.10 -15.32 -17.13
N THR B 3 -4.19 -14.55 -17.05
CA THR B 3 -4.39 -13.37 -17.89
C THR B 3 -4.69 -12.10 -17.09
N LEU B 4 -4.30 -10.96 -17.67
CA LEU B 4 -4.52 -9.64 -17.09
C LEU B 4 -5.11 -8.73 -18.16
N LYS B 5 -6.20 -8.05 -17.79
CA LYS B 5 -6.97 -7.22 -18.71
C LYS B 5 -7.19 -5.79 -18.18
N GLU B 6 -6.64 -4.82 -18.91
CA GLU B 6 -6.74 -3.39 -18.56
C GLU B 6 -8.02 -2.80 -19.13
N SER B 7 -8.70 -1.98 -18.34
CA SER B 7 -9.90 -1.31 -18.81
C SER B 7 -10.06 0.07 -18.20
N GLY B 8 -10.63 0.98 -18.98
CA GLY B 8 -10.85 2.36 -18.52
C GLY B 8 -10.87 3.32 -19.69
N PRO B 9 -11.25 4.59 -19.43
CA PRO B 9 -11.55 5.67 -20.38
C PRO B 9 -10.90 5.67 -21.79
N GLY B 10 -9.58 5.72 -21.86
CA GLY B 10 -8.92 5.77 -23.19
C GLY B 10 -8.63 7.18 -23.71
N ILE B 11 -9.47 8.14 -23.33
CA ILE B 11 -9.27 9.58 -23.62
C ILE B 11 -9.65 10.41 -22.39
N LEU B 12 -8.76 11.34 -22.03
CA LEU B 12 -8.94 12.28 -20.92
C LEU B 12 -8.34 13.62 -21.26
N LYS B 13 -8.71 14.63 -20.47
CA LYS B 13 -8.23 15.99 -20.63
C LYS B 13 -7.18 16.31 -19.57
N PRO B 14 -6.24 17.25 -19.87
CA PRO B 14 -5.31 17.72 -18.85
C PRO B 14 -5.99 18.12 -17.54
N SER B 15 -5.33 17.82 -16.42
CA SER B 15 -5.82 18.10 -15.07
C SER B 15 -6.84 17.07 -14.57
N GLN B 16 -7.32 16.19 -15.46
CA GLN B 16 -8.28 15.18 -15.04
C GLN B 16 -7.58 13.95 -14.42
N THR B 17 -8.36 12.99 -13.94
CA THR B 17 -7.81 11.83 -13.24
C THR B 17 -7.85 10.58 -14.09
N LEU B 18 -6.70 9.97 -14.34
CA LEU B 18 -6.67 8.68 -15.05
C LEU B 18 -7.03 7.54 -14.08
N SER B 19 -8.05 6.74 -14.41
CA SER B 19 -8.44 5.60 -13.59
C SER B 19 -8.51 4.35 -14.48
N LEU B 20 -7.72 3.34 -14.14
CA LEU B 20 -7.68 2.07 -14.87
C LEU B 20 -7.90 0.87 -13.95
N THR B 21 -8.58 -0.14 -14.47
CA THR B 21 -8.85 -1.37 -13.75
C THR B 21 -8.07 -2.49 -14.44
N CYS B 22 -7.46 -3.34 -13.63
CA CYS B 22 -6.87 -4.58 -14.11
C CYS B 22 -7.66 -5.77 -13.58
N SER B 23 -8.33 -6.47 -14.50
CA SER B 23 -9.09 -7.67 -14.15
C SER B 23 -8.23 -8.92 -14.36
N LEU B 24 -8.18 -9.79 -13.34
CA LEU B 24 -7.27 -10.94 -13.31
C LEU B 24 -8.03 -12.25 -13.37
N SER B 25 -7.47 -13.24 -14.06
CA SER B 25 -8.02 -14.60 -14.00
C SER B 25 -6.89 -15.59 -14.17
N GLY B 26 -7.08 -16.80 -13.64
CA GLY B 26 -6.04 -17.82 -13.72
C GLY B 26 -5.15 -17.85 -12.51
N PHE B 27 -5.43 -16.95 -11.55
CA PHE B 27 -4.69 -16.87 -10.29
C PHE B 27 -5.44 -15.95 -9.34
N SER B 28 -5.05 -16.00 -8.07
CA SER B 28 -5.71 -15.23 -7.01
C SER B 28 -4.76 -14.22 -6.35
N LEU B 29 -5.19 -12.97 -6.21
CA LEU B 29 -4.39 -11.97 -5.54
C LEU B 29 -4.39 -12.26 -4.04
N ARG B 30 -5.20 -13.22 -3.61
CA ARG B 30 -5.22 -13.70 -2.21
C ARG B 30 -4.00 -14.56 -1.87
N THR B 31 -3.45 -15.26 -2.86
CA THR B 31 -2.31 -16.14 -2.66
C THR B 31 -1.12 -15.39 -2.06
N SER B 32 -0.56 -15.91 -0.97
CA SER B 32 0.72 -15.42 -0.50
C SER B 32 1.80 -15.90 -1.49
N GLY B 33 2.72 -15.06 -1.95
CA GLY B 33 2.72 -13.61 -1.84
C GLY B 33 2.62 -13.04 -3.27
N MET B 34 1.39 -13.04 -3.77
CA MET B 34 1.10 -12.53 -5.10
C MET B 34 1.20 -11.00 -5.18
N GLY B 35 1.49 -10.50 -6.37
CA GLY B 35 1.55 -9.07 -6.64
C GLY B 35 1.21 -8.69 -8.07
N VAL B 36 0.62 -7.51 -8.23
CA VAL B 36 0.24 -7.00 -9.55
C VAL B 36 0.57 -5.51 -9.59
N GLY B 37 0.96 -5.04 -10.77
CA GLY B 37 1.40 -3.66 -10.93
C GLY B 37 1.18 -3.13 -12.32
N TRP B 38 1.77 -1.97 -12.59
CA TRP B 38 1.54 -1.20 -13.81
C TRP B 38 2.84 -0.67 -14.34
N ILE B 39 2.98 -0.78 -15.66
CA ILE B 39 4.12 -0.26 -16.38
C ILE B 39 3.54 0.51 -17.57
N ARG B 40 4.16 1.63 -17.96
CA ARG B 40 3.64 2.35 -19.13
C ARG B 40 4.71 2.55 -20.20
N GLN B 41 4.26 2.76 -21.44
CA GLN B 41 5.16 3.00 -22.54
C GLN B 41 4.56 4.10 -23.43
N PRO B 42 5.17 5.29 -23.43
CA PRO B 42 4.85 6.32 -24.44
C PRO B 42 5.17 5.87 -25.87
N SER B 43 4.40 6.33 -26.86
CA SER B 43 4.62 5.88 -28.26
C SER B 43 6.05 6.14 -28.72
N GLY B 44 6.65 5.12 -29.32
CA GLY B 44 8.06 5.19 -29.70
C GLY B 44 9.06 5.38 -28.57
N LYS B 45 8.62 5.17 -27.32
CA LYS B 45 9.53 5.32 -26.17
C LYS B 45 9.67 4.04 -25.35
N GLY B 46 10.53 4.06 -24.34
CA GLY B 46 10.76 2.89 -23.49
C GLY B 46 9.67 2.66 -22.45
N LEU B 47 10.03 1.84 -21.47
CA LEU B 47 9.11 1.33 -20.46
C LEU B 47 9.43 1.96 -19.12
N GLU B 48 8.38 2.41 -18.43
CA GLU B 48 8.53 3.06 -17.14
C GLU B 48 7.64 2.37 -16.13
N TRP B 49 8.23 1.84 -15.07
CA TRP B 49 7.47 1.13 -14.03
C TRP B 49 6.75 2.16 -13.15
N LEU B 50 5.50 1.89 -12.76
CA LEU B 50 4.72 2.90 -12.03
C LEU B 50 4.45 2.53 -10.57
N ALA B 51 3.98 1.30 -10.35
CA ALA B 51 3.57 0.89 -9.02
C ALA B 51 3.30 -0.59 -9.00
N HIS B 52 3.19 -1.14 -7.80
CA HIS B 52 2.91 -2.54 -7.58
C HIS B 52 2.13 -2.69 -6.25
N ILE B 53 1.20 -3.63 -6.18
CA ILE B 53 0.46 -3.91 -4.96
C ILE B 53 0.54 -5.40 -4.68
N TRP B 54 0.54 -5.77 -3.41
CA TRP B 54 0.80 -7.12 -2.96
C TRP B 54 -0.42 -7.73 -2.29
N TRP B 55 -0.42 -9.06 -2.14
CA TRP B 55 -1.48 -9.80 -1.48
C TRP B 55 -1.85 -9.21 -0.10
N ASP B 56 -0.87 -8.62 0.59
CA ASP B 56 -1.09 -8.14 1.95
C ASP B 56 -1.44 -6.65 2.00
N ASP B 57 -1.68 -6.07 0.82
CA ASP B 57 -1.99 -4.64 0.63
C ASP B 57 -0.79 -3.73 0.86
N ASP B 58 0.41 -4.31 0.87
CA ASP B 58 1.64 -3.53 0.78
CA ASP B 58 1.63 -3.52 0.78
C ASP B 58 1.68 -3.02 -0.66
N LYS B 59 2.31 -1.86 -0.87
CA LYS B 59 2.30 -1.15 -2.15
C LYS B 59 3.67 -0.50 -2.35
N ASN B 60 4.16 -0.51 -3.60
CA ASN B 60 5.40 0.21 -3.96
C ASN B 60 5.11 1.22 -5.06
N TYR B 61 5.70 2.41 -4.96
CA TYR B 61 5.44 3.48 -5.94
C TYR B 61 6.71 4.04 -6.53
N ASN B 62 6.67 4.41 -7.82
CA ASN B 62 7.72 5.22 -8.41
C ASN B 62 7.70 6.64 -7.78
N PRO B 63 8.81 7.02 -7.07
CA PRO B 63 8.85 8.30 -6.35
C PRO B 63 8.68 9.52 -7.24
N SER B 64 8.97 9.37 -8.53
CA SER B 64 8.81 10.45 -9.52
C SER B 64 7.35 10.86 -9.78
N LEU B 65 6.41 10.12 -9.20
CA LEU B 65 4.98 10.31 -9.46
C LEU B 65 4.13 10.15 -8.19
N LYS B 66 4.80 10.06 -7.04
CA LYS B 66 4.15 9.60 -5.81
C LYS B 66 2.97 10.47 -5.38
N SER B 67 3.04 11.77 -5.63
CA SER B 67 1.91 12.66 -5.29
C SER B 67 0.70 12.47 -6.19
N GLN B 68 0.88 11.78 -7.31
CA GLN B 68 -0.17 11.58 -8.32
C GLN B 68 -0.73 10.15 -8.36
N LEU B 69 0.08 9.17 -7.94
CA LEU B 69 -0.23 7.74 -8.05
C LEU B 69 -0.92 7.18 -6.84
N THR B 70 -1.98 6.42 -7.07
CA THR B 70 -2.59 5.56 -6.06
C THR B 70 -2.89 4.18 -6.69
N ILE B 71 -2.42 3.12 -6.05
CA ILE B 71 -2.77 1.75 -6.42
C ILE B 71 -3.61 1.11 -5.33
N SER B 72 -4.60 0.32 -5.74
CA SER B 72 -5.49 -0.32 -4.82
C SER B 72 -5.99 -1.65 -5.38
N LYS B 73 -6.60 -2.44 -4.53
CA LYS B 73 -7.16 -3.70 -4.98
C LYS B 73 -8.56 -3.97 -4.42
N ASP B 74 -9.29 -4.86 -5.10
CA ASP B 74 -10.51 -5.46 -4.55
C ASP B 74 -10.29 -6.97 -4.58
N THR B 75 -9.93 -7.50 -3.42
CA THR B 75 -9.62 -8.92 -3.29
C THR B 75 -10.81 -9.82 -3.64
N SER B 76 -12.03 -9.42 -3.24
CA SER B 76 -13.24 -10.20 -3.54
C SER B 76 -13.59 -10.31 -5.04
N ARG B 77 -13.14 -9.35 -5.84
CA ARG B 77 -13.41 -9.34 -7.29
C ARG B 77 -12.19 -9.73 -8.09
N ASN B 78 -11.03 -9.73 -7.44
CA ASN B 78 -9.77 -10.11 -8.09
C ASN B 78 -9.41 -9.00 -9.08
N GLN B 79 -9.47 -7.75 -8.60
CA GLN B 79 -9.18 -6.60 -9.43
C GLN B 79 -8.17 -5.69 -8.76
N VAL B 80 -7.39 -5.02 -9.59
CA VAL B 80 -6.41 -4.03 -9.16
C VAL B 80 -6.74 -2.71 -9.91
N PHE B 81 -6.46 -1.58 -9.25
CA PHE B 81 -6.80 -0.25 -9.79
C PHE B 81 -5.66 0.72 -9.75
N LEU B 82 -5.52 1.52 -10.82
CA LEU B 82 -4.55 2.59 -10.84
C LEU B 82 -5.28 3.91 -10.94
N LYS B 83 -4.85 4.89 -10.16
CA LYS B 83 -5.35 6.26 -10.30
C LYS B 83 -4.14 7.18 -10.51
N ILE B 84 -4.15 7.99 -11.58
CA ILE B 84 -3.18 9.08 -11.71
C ILE B 84 -3.91 10.42 -11.76
N THR B 85 -3.76 11.21 -10.70
CA THR B 85 -4.40 12.53 -10.64
C THR B 85 -3.58 13.56 -11.43
N SER B 86 -4.24 14.63 -11.90
CA SER B 86 -3.56 15.80 -12.47
C SER B 86 -2.70 15.44 -13.65
N VAL B 87 -3.29 14.68 -14.58
CA VAL B 87 -2.57 14.24 -15.77
C VAL B 87 -2.35 15.39 -16.76
N ASP B 88 -1.42 15.18 -17.66
CA ASP B 88 -1.11 16.15 -18.71
CA ASP B 88 -1.15 16.15 -18.73
C ASP B 88 -0.73 15.35 -19.96
N THR B 89 -0.48 16.03 -21.08
CA THR B 89 -0.25 15.33 -22.37
C THR B 89 0.82 14.23 -22.30
N ALA B 90 1.87 14.44 -21.50
CA ALA B 90 2.98 13.50 -21.30
C ALA B 90 2.58 12.16 -20.67
N ASP B 91 1.40 12.11 -20.08
CA ASP B 91 0.88 10.85 -19.56
C ASP B 91 0.22 10.01 -20.64
N THR B 92 0.26 10.50 -21.88
CA THR B 92 -0.22 9.72 -23.02
C THR B 92 0.73 8.55 -23.22
N ALA B 93 0.19 7.32 -23.24
CA ALA B 93 0.99 6.10 -23.24
C ALA B 93 0.11 4.84 -23.33
N THR B 94 0.75 3.71 -23.64
CA THR B 94 0.15 2.40 -23.42
C THR B 94 0.42 1.99 -21.97
N TYR B 95 -0.65 1.65 -21.27
CA TYR B 95 -0.59 1.28 -19.85
C TYR B 95 -0.77 -0.21 -19.73
N TYR B 96 0.27 -0.88 -19.22
CA TYR B 96 0.22 -2.34 -19.00
C TYR B 96 0.04 -2.73 -17.54
N CYS B 97 -0.86 -3.68 -17.32
CA CYS B 97 -0.95 -4.43 -16.06
C CYS B 97 -0.03 -5.66 -16.17
N VAL B 98 0.76 -5.92 -15.13
CA VAL B 98 1.73 -7.03 -15.09
C VAL B 98 1.59 -7.80 -13.77
N ARG B 99 1.85 -9.10 -13.80
CA ARG B 99 1.93 -9.87 -12.56
C ARG B 99 3.39 -9.94 -12.12
N ARG B 100 3.62 -9.86 -10.80
CA ARG B 100 4.93 -10.14 -10.22
C ARG B 100 4.81 -10.62 -8.75
N ALA B 101 5.03 -11.91 -8.54
CA ALA B 101 5.00 -12.52 -7.22
C ALA B 101 6.40 -12.54 -6.62
N HIS B 102 6.46 -12.70 -5.30
CA HIS B 102 7.74 -12.88 -4.61
C HIS B 102 7.68 -14.12 -3.69
N ASN B 103 8.82 -14.82 -3.61
CA ASN B 103 8.99 -16.03 -2.79
C ASN B 103 8.11 -17.18 -3.25
N VAL B 105 8.32 -20.22 -5.34
CA VAL B 105 9.36 -19.40 -5.96
C VAL B 105 9.29 -19.52 -7.50
N LEU B 106 8.07 -19.54 -8.03
CA LEU B 106 7.86 -19.22 -9.46
C LEU B 106 7.31 -17.78 -9.61
N GLY B 107 8.17 -16.82 -9.28
CA GLY B 107 7.81 -15.41 -9.36
C GLY B 107 9.03 -14.57 -9.65
N ASP B 108 9.02 -13.33 -9.16
CA ASP B 108 10.16 -12.41 -9.32
C ASP B 108 10.55 -12.27 -10.81
N TRP B 109 9.56 -11.95 -11.64
CA TRP B 109 9.70 -11.82 -13.10
C TRP B 109 8.41 -11.21 -13.62
N PHE B 110 8.45 -10.62 -14.80
CA PHE B 110 7.20 -10.21 -15.43
C PHE B 110 6.95 -11.23 -16.51
N ALA B 111 6.60 -12.44 -16.10
CA ALA B 111 6.26 -13.48 -17.05
C ALA B 111 4.93 -13.17 -17.73
N TYR B 112 4.04 -12.52 -16.98
CA TYR B 112 2.65 -12.33 -17.41
C TYR B 112 2.30 -10.84 -17.50
N TRP B 113 2.01 -10.40 -18.73
CA TRP B 113 1.69 -9.02 -19.09
C TRP B 113 0.29 -8.95 -19.67
N GLY B 114 -0.39 -7.83 -19.42
CA GLY B 114 -1.63 -7.53 -20.12
C GLY B 114 -1.33 -7.19 -21.56
N GLN B 115 -2.37 -6.98 -22.34
CA GLN B 115 -2.21 -6.59 -23.75
C GLN B 115 -1.89 -5.10 -23.81
N GLY B 116 -2.23 -4.36 -22.76
CA GLY B 116 -2.01 -2.93 -22.70
C GLY B 116 -3.20 -2.17 -23.26
N THR B 117 -3.46 -0.98 -22.72
CA THR B 117 -4.49 -0.09 -23.26
C THR B 117 -3.92 1.32 -23.47
N LEU B 118 -4.14 1.87 -24.66
CA LEU B 118 -3.69 3.22 -25.01
C LEU B 118 -4.56 4.25 -24.32
N VAL B 119 -3.92 5.16 -23.59
CA VAL B 119 -4.60 6.26 -22.95
C VAL B 119 -4.01 7.53 -23.55
N THR B 120 -4.88 8.40 -24.06
CA THR B 120 -4.47 9.69 -24.63
C THR B 120 -4.92 10.82 -23.74
N VAL B 121 -4.00 11.68 -23.33
CA VAL B 121 -4.40 12.87 -22.61
C VAL B 121 -4.25 14.09 -23.50
N SER B 122 -5.38 14.74 -23.77
CA SER B 122 -5.44 15.84 -24.74
C SER B 122 -6.68 16.69 -24.53
N ALA B 123 -6.52 17.98 -24.84
CA ALA B 123 -7.62 18.93 -24.82
C ALA B 123 -8.32 19.02 -26.19
N ALA B 124 -7.82 18.27 -27.17
CA ALA B 124 -8.40 18.27 -28.51
C ALA B 124 -9.83 17.71 -28.50
N LYS B 125 -10.63 18.18 -29.46
CA LYS B 125 -11.99 17.69 -29.64
C LYS B 125 -11.99 16.72 -30.80
N THR B 126 -12.98 15.83 -30.84
CA THR B 126 -13.08 14.91 -31.95
C THR B 126 -13.25 15.60 -33.28
N THR B 127 -12.49 15.14 -34.27
CA THR B 127 -12.33 15.84 -35.54
C THR B 127 -12.02 14.83 -36.62
N ALA B 128 -12.86 14.78 -37.65
CA ALA B 128 -12.66 13.93 -38.81
C ALA B 128 -11.46 14.45 -39.60
N PRO B 129 -10.70 13.55 -40.25
CA PRO B 129 -9.58 13.98 -41.07
C PRO B 129 -10.01 14.66 -42.35
N SER B 130 -9.16 15.54 -42.86
CA SER B 130 -9.29 16.05 -44.22
C SER B 130 -8.33 15.21 -45.06
N VAL B 131 -8.82 14.67 -46.17
CA VAL B 131 -8.04 13.72 -46.95
C VAL B 131 -7.64 14.37 -48.27
N TYR B 132 -6.33 14.41 -48.51
CA TYR B 132 -5.82 15.10 -49.68
C TYR B 132 -5.05 14.13 -50.55
N PRO B 133 -5.25 14.22 -51.87
CA PRO B 133 -4.54 13.39 -52.85
C PRO B 133 -3.13 13.91 -53.16
N LEU B 134 -2.21 12.97 -53.33
CA LEU B 134 -0.85 13.31 -53.71
C LEU B 134 -0.56 12.69 -55.07
N ALA B 135 -0.78 13.51 -56.10
CA ALA B 135 -0.47 13.13 -57.46
C ALA B 135 0.88 13.73 -57.87
N PRO B 136 1.65 13.01 -58.71
CA PRO B 136 2.99 13.45 -59.13
C PRO B 136 2.99 14.76 -59.90
N VAL B 137 4.11 15.47 -59.80
CA VAL B 137 4.41 16.61 -60.65
C VAL B 137 4.38 16.12 -62.10
N CYS B 138 3.74 16.90 -62.97
CA CYS B 138 3.73 16.58 -64.40
C CYS B 138 4.76 17.42 -65.15
N GLY B 139 5.77 16.75 -65.71
CA GLY B 139 5.98 15.32 -65.53
C GLY B 139 7.19 15.06 -64.65
N GLY B 140 7.09 14.05 -63.79
CA GLY B 140 8.19 13.64 -62.93
C GLY B 140 8.16 12.14 -62.64
N THR B 141 8.51 11.31 -63.63
CA THR B 141 8.90 11.74 -64.98
C THR B 141 8.11 10.99 -66.05
N GLY B 143 10.22 6.86 -66.50
CA GLY B 143 10.60 5.90 -65.46
C GLY B 143 9.71 4.68 -65.40
N SER B 144 10.23 3.62 -64.79
CA SER B 144 9.50 2.35 -64.67
C SER B 144 8.38 2.41 -63.63
N SER B 145 8.57 3.25 -62.61
CA SER B 145 7.68 3.34 -61.46
C SER B 145 7.01 4.71 -61.34
N VAL B 146 5.79 4.72 -60.81
CA VAL B 146 5.14 5.97 -60.40
C VAL B 146 4.60 5.84 -58.97
N THR B 147 4.98 6.79 -58.12
CA THR B 147 4.54 6.80 -56.73
C THR B 147 3.43 7.84 -56.52
N LEU B 148 2.34 7.39 -55.91
CA LEU B 148 1.24 8.25 -55.54
C LEU B 148 1.09 8.27 -54.01
N GLY B 149 0.22 9.12 -53.51
CA GLY B 149 0.03 9.23 -52.07
C GLY B 149 -1.28 9.84 -51.65
N CYS B 150 -1.48 9.79 -50.33
CA CYS B 150 -2.67 10.24 -49.67
C CYS B 150 -2.23 10.90 -48.35
N LEU B 151 -2.72 12.11 -48.09
CA LEU B 151 -2.41 12.85 -46.88
C LEU B 151 -3.65 13.05 -46.02
N VAL B 152 -3.65 12.43 -44.85
CA VAL B 152 -4.78 12.43 -43.94
C VAL B 152 -4.41 13.42 -42.85
N LYS B 153 -5.10 14.54 -42.80
CA LYS B 153 -4.64 15.67 -42.01
C LYS B 153 -5.67 16.17 -41.02
N GLY B 154 -5.19 16.50 -39.80
CA GLY B 154 -5.96 17.21 -38.79
C GLY B 154 -7.07 16.44 -38.11
N TYR B 155 -6.79 15.18 -37.74
CA TYR B 155 -7.79 14.38 -37.04
C TYR B 155 -7.48 14.13 -35.56
N PHE B 156 -8.50 13.76 -34.82
CA PHE B 156 -8.38 13.38 -33.42
C PHE B 156 -9.61 12.56 -33.04
N PRO B 157 -9.42 11.47 -32.28
CA PRO B 157 -8.15 10.92 -31.85
C PRO B 157 -7.68 9.82 -32.78
N GLU B 158 -6.57 9.17 -32.43
CA GLU B 158 -6.17 7.90 -33.07
C GLU B 158 -7.25 6.82 -32.83
N PRO B 159 -7.34 5.84 -33.72
CA PRO B 159 -6.62 5.70 -34.98
C PRO B 159 -7.41 6.08 -36.23
N VAL B 160 -6.75 5.97 -37.38
CA VAL B 160 -7.41 5.91 -38.67
C VAL B 160 -6.92 4.63 -39.36
N THR B 161 -7.67 4.16 -40.35
CA THR B 161 -7.19 3.09 -41.19
C THR B 161 -7.23 3.56 -42.63
N LEU B 162 -6.25 3.13 -43.42
CA LEU B 162 -6.16 3.55 -44.80
C LEU B 162 -5.87 2.35 -45.66
N THR B 163 -6.58 2.27 -46.78
CA THR B 163 -6.34 1.25 -47.77
C THR B 163 -6.28 1.89 -49.14
N TRP B 164 -5.68 1.17 -50.07
CA TRP B 164 -5.60 1.58 -51.45
C TRP B 164 -6.43 0.64 -52.30
N ASN B 165 -7.38 1.21 -53.05
CA ASN B 165 -8.25 0.46 -53.95
C ASN B 165 -9.03 -0.63 -53.22
N SER B 166 -9.50 -0.28 -52.01
CA SER B 166 -10.28 -1.17 -51.15
C SER B 166 -9.52 -2.40 -50.63
N GLY B 167 -8.21 -2.42 -50.85
CA GLY B 167 -7.36 -3.55 -50.42
C GLY B 167 -6.71 -4.38 -51.52
N SER B 168 -7.00 -4.08 -52.79
CA SER B 168 -6.39 -4.81 -53.91
C SER B 168 -4.99 -4.29 -54.21
N LEU B 169 -4.71 -3.09 -53.71
CA LEU B 169 -3.36 -2.54 -53.71
C LEU B 169 -2.75 -2.68 -52.32
N SER B 170 -1.94 -3.73 -52.14
CA SER B 170 -1.31 -4.01 -50.86
C SER B 170 0.21 -4.03 -50.99
N SER B 171 0.67 -4.51 -52.15
CA SER B 171 2.09 -4.50 -52.53
C SER B 171 2.55 -3.07 -52.81
N GLY B 172 3.74 -2.72 -52.33
CA GLY B 172 4.35 -1.40 -52.58
C GLY B 172 3.74 -0.22 -51.82
N VAL B 173 2.87 -0.53 -50.86
CA VAL B 173 2.24 0.48 -50.02
C VAL B 173 3.14 0.77 -48.80
N HIS B 174 3.33 2.06 -48.49
CA HIS B 174 3.96 2.46 -47.21
C HIS B 174 3.08 3.44 -46.45
N THR B 175 2.51 3.02 -45.32
CA THR B 175 1.71 3.92 -44.49
C THR B 175 2.53 4.29 -43.26
N PHE B 176 2.65 5.60 -43.03
CA PHE B 176 3.59 6.13 -42.05
C PHE B 176 2.85 6.43 -40.75
N PRO B 177 3.53 6.25 -39.60
CA PRO B 177 2.91 6.60 -38.33
C PRO B 177 2.52 8.06 -38.29
N ALA B 178 1.36 8.33 -37.71
CA ALA B 178 0.85 9.68 -37.53
C ALA B 178 1.80 10.54 -36.69
N VAL B 179 1.84 11.84 -36.98
CA VAL B 179 2.57 12.80 -36.17
C VAL B 179 1.56 13.79 -35.63
N LEU B 180 1.81 14.29 -34.43
CA LEU B 180 0.99 15.31 -33.79
C LEU B 180 1.44 16.72 -34.22
N GLN B 181 0.53 17.50 -34.78
CA GLN B 181 0.79 18.91 -35.07
C GLN B 181 -0.37 19.61 -34.39
N SER B 182 -0.09 20.07 -33.19
CA SER B 182 -0.96 19.80 -32.02
C SER B 182 -2.25 20.60 -31.90
N GLY B 183 -3.23 20.01 -31.21
CA GLY B 183 -3.16 18.62 -30.83
C GLY B 183 -3.92 17.76 -31.81
N LEU B 184 -3.65 17.89 -33.11
CA LEU B 184 -4.29 17.01 -34.09
C LEU B 184 -3.27 16.13 -34.84
N TYR B 185 -3.71 14.96 -35.28
CA TYR B 185 -2.84 13.99 -35.98
C TYR B 185 -2.84 14.20 -37.48
N THR B 186 -1.70 13.91 -38.10
CA THR B 186 -1.57 13.88 -39.55
C THR B 186 -0.83 12.61 -39.95
N LEU B 187 -1.34 11.95 -40.99
CA LEU B 187 -0.74 10.74 -41.47
C LEU B 187 -0.58 10.84 -42.99
N SER B 188 0.42 10.16 -43.56
CA SER B 188 0.53 10.01 -45.01
C SER B 188 0.77 8.56 -45.38
N SER B 189 0.45 8.20 -46.62
CA SER B 189 0.71 6.87 -47.18
C SER B 189 1.12 6.99 -48.64
N SER B 190 2.16 6.25 -49.04
CA SER B 190 2.56 6.20 -50.44
C SER B 190 2.21 4.86 -51.03
N VAL B 191 1.94 4.86 -52.34
CA VAL B 191 1.66 3.64 -53.09
C VAL B 191 2.42 3.73 -54.42
N THR B 192 3.15 2.68 -54.76
CA THR B 192 3.94 2.68 -55.99
C THR B 192 3.41 1.63 -56.96
N VAL B 193 3.13 2.07 -58.19
CA VAL B 193 2.69 1.19 -59.28
C VAL B 193 3.59 1.39 -60.50
N THR B 194 3.50 0.48 -61.46
CA THR B 194 4.17 0.67 -62.75
C THR B 194 3.55 1.85 -63.51
N SER B 195 4.34 2.43 -64.41
CA SER B 195 3.86 3.51 -65.28
C SER B 195 2.67 3.06 -66.14
N SER B 196 2.70 1.78 -66.55
CA SER B 196 1.61 1.14 -67.30
C SER B 196 0.25 1.29 -66.61
N THR B 197 0.28 1.13 -65.28
CA THR B 197 -0.92 1.02 -64.42
C THR B 197 -1.72 2.33 -64.33
N TRP B 198 -1.03 3.43 -64.09
CA TRP B 198 -1.68 4.71 -63.78
C TRP B 198 -1.15 5.81 -64.71
N PRO B 199 -2.04 6.74 -65.14
CA PRO B 199 -3.42 6.94 -64.71
C PRO B 199 -4.49 6.19 -65.52
N SER B 200 -4.08 5.23 -66.35
CA SER B 200 -5.05 4.49 -67.18
C SER B 200 -6.11 3.77 -66.31
N GLN B 201 -5.66 3.18 -65.20
CA GLN B 201 -6.57 2.66 -64.17
C GLN B 201 -6.65 3.63 -62.99
N SER B 202 -7.79 3.65 -62.31
CA SER B 202 -8.00 4.61 -61.22
C SER B 202 -7.45 4.11 -59.89
N ILE B 203 -6.69 4.98 -59.22
CA ILE B 203 -6.14 4.66 -57.90
C ILE B 203 -6.78 5.53 -56.81
N THR B 204 -7.36 4.86 -55.81
CA THR B 204 -8.17 5.52 -54.79
C THR B 204 -7.72 5.18 -53.37
N CYS B 205 -7.76 6.19 -52.51
CA CYS B 205 -7.33 6.07 -51.14
C CYS B 205 -8.58 5.96 -50.23
N ASN B 206 -8.68 4.88 -49.46
CA ASN B 206 -9.82 4.71 -48.58
C ASN B 206 -9.46 4.99 -47.12
N VAL B 207 -10.10 5.98 -46.53
CA VAL B 207 -9.75 6.41 -45.17
C VAL B 207 -10.94 6.26 -44.23
N ALA B 208 -10.75 5.55 -43.12
CA ALA B 208 -11.78 5.44 -42.10
C ALA B 208 -11.32 6.01 -40.77
N HIS B 209 -12.20 6.75 -40.11
CA HIS B 209 -11.92 7.32 -38.79
C HIS B 209 -13.06 6.94 -37.87
N PRO B 210 -12.92 5.78 -37.19
CA PRO B 210 -13.96 5.17 -36.35
C PRO B 210 -14.56 6.09 -35.28
N ALA B 211 -13.73 6.92 -34.64
CA ALA B 211 -14.20 7.79 -33.55
C ALA B 211 -15.18 8.85 -34.03
N SER B 212 -15.04 9.24 -35.29
CA SER B 212 -15.98 10.17 -35.91
C SER B 212 -16.82 9.47 -36.97
N SER B 213 -16.85 8.13 -36.91
CA SER B 213 -17.63 7.32 -37.87
C SER B 213 -17.62 7.96 -39.27
N THR B 214 -16.42 8.30 -39.72
CA THR B 214 -16.18 8.87 -41.03
C THR B 214 -15.53 7.78 -41.88
N LYS B 215 -16.00 7.64 -43.11
CA LYS B 215 -15.22 6.92 -44.09
C LYS B 215 -15.28 7.67 -45.40
N VAL B 216 -14.10 7.86 -45.98
CA VAL B 216 -13.90 8.73 -47.12
C VAL B 216 -12.99 8.08 -48.17
N ASP B 217 -13.28 8.36 -49.42
CA ASP B 217 -12.42 7.94 -50.51
C ASP B 217 -11.88 9.19 -51.19
N LYS B 218 -10.78 9.01 -51.90
CA LYS B 218 -10.11 10.10 -52.59
C LYS B 218 -9.36 9.50 -53.76
N LYS B 219 -9.87 9.74 -54.96
CA LYS B 219 -9.22 9.27 -56.18
C LYS B 219 -8.05 10.19 -56.47
N ILE B 220 -6.92 9.59 -56.85
CA ILE B 220 -5.73 10.33 -57.26
C ILE B 220 -5.84 10.65 -58.75
N GLU B 221 -6.27 11.88 -59.05
CA GLU B 221 -6.43 12.34 -60.42
C GLU B 221 -5.11 12.94 -60.91
N PRO B 222 -4.75 12.69 -62.18
CA PRO B 222 -3.49 13.23 -62.69
C PRO B 222 -3.53 14.76 -62.82
N ARG B 223 -2.39 15.41 -62.54
CA ARG B 223 -2.23 16.85 -62.69
C ARG B 223 -2.13 17.25 -64.17
N ASP C 1 -2.10 -23.41 16.39
CA ASP C 1 -1.26 -22.45 17.18
C ASP C 1 -0.80 -23.11 18.46
N VAL C 2 0.37 -22.71 18.93
CA VAL C 2 0.93 -23.22 20.17
C VAL C 2 0.32 -22.46 21.33
N LEU C 3 -0.40 -23.18 22.18
CA LEU C 3 -0.96 -22.60 23.37
C LEU C 3 0.12 -22.65 24.45
N MET C 4 0.27 -21.52 25.15
CA MET C 4 1.18 -21.42 26.28
C MET C 4 0.34 -21.23 27.55
N THR C 5 0.35 -22.24 28.39
CA THR C 5 -0.48 -22.23 29.59
C THR C 5 0.34 -21.93 30.85
N GLN C 6 0.01 -20.86 31.55
CA GLN C 6 0.76 -20.51 32.76
C GLN C 6 0.02 -20.92 33.99
N THR C 7 0.72 -21.49 34.96
CA THR C 7 0.15 -21.81 36.28
C THR C 7 1.03 -21.26 37.42
N PRO C 8 0.42 -20.63 38.44
CA PRO C 8 -0.99 -20.22 38.52
C PRO C 8 -1.17 -18.95 37.73
N LEU C 9 -2.40 -18.46 37.63
CA LEU C 9 -2.66 -17.20 36.94
C LEU C 9 -2.48 -16.04 37.91
N SER C 10 -2.64 -16.35 39.20
CA SER C 10 -2.42 -15.36 40.23
C SER C 10 -1.59 -16.00 41.33
N LEU C 11 -0.61 -15.25 41.85
CA LEU C 11 0.32 -15.84 42.81
C LEU C 11 0.63 -14.88 43.91
N PRO C 12 -0.05 -15.04 45.05
CA PRO C 12 0.21 -14.26 46.25
C PRO C 12 1.45 -14.77 46.97
N VAL C 13 2.32 -13.83 47.38
CA VAL C 13 3.53 -14.15 48.11
C VAL C 13 3.75 -13.12 49.24
N SER C 14 4.49 -13.53 50.26
CA SER C 14 5.08 -12.57 51.20
C SER C 14 6.41 -12.16 50.61
N LEU C 15 6.81 -10.91 50.81
CA LEU C 15 8.15 -10.47 50.46
C LEU C 15 9.21 -11.31 51.20
N GLY C 16 10.24 -11.72 50.47
CA GLY C 16 11.28 -12.59 51.01
C GLY C 16 11.06 -14.04 50.62
N ASP C 17 9.83 -14.37 50.25
CA ASP C 17 9.45 -15.73 49.83
C ASP C 17 10.03 -16.10 48.45
N GLN C 18 9.97 -17.39 48.17
CA GLN C 18 10.34 -18.00 46.89
C GLN C 18 9.06 -18.07 46.07
N ALA C 19 9.16 -17.81 44.78
CA ALA C 19 8.01 -17.93 43.89
C ALA C 19 8.38 -18.76 42.67
N SER C 20 7.42 -19.55 42.21
CA SER C 20 7.64 -20.47 41.10
C SER C 20 6.43 -20.41 40.17
N ILE C 21 6.72 -20.18 38.87
CA ILE C 21 5.70 -20.07 37.83
C ILE C 21 5.98 -21.10 36.75
N SER C 22 4.94 -21.85 36.41
CA SER C 22 5.01 -22.92 35.41
C SER C 22 4.41 -22.43 34.10
N CYS C 23 5.04 -22.81 32.99
CA CYS C 23 4.56 -22.49 31.66
C CYS C 23 4.66 -23.72 30.80
N ARG C 24 3.52 -24.22 30.36
CA ARG C 24 3.52 -25.45 29.58
C ARG C 24 3.01 -25.21 28.17
N SER C 25 3.76 -25.67 27.18
CA SER C 25 3.35 -25.53 25.79
C SER C 25 2.58 -26.74 25.26
N SER C 26 1.61 -26.49 24.37
CA SER C 26 0.81 -27.55 23.78
C SER C 26 1.61 -28.45 22.83
N GLN C 27 2.69 -27.89 22.29
CA GLN C 27 3.61 -28.56 21.35
C GLN C 27 5.02 -28.29 21.80
N SER C 28 5.95 -29.15 21.36
CA SER C 28 7.35 -28.86 21.56
C SER C 28 7.67 -27.52 20.91
N ILE C 29 8.51 -26.73 21.58
CA ILE C 29 8.87 -25.44 21.03
C ILE C 29 10.36 -25.39 20.63
N VAL C 30 10.93 -26.56 20.33
CA VAL C 30 12.27 -26.64 19.74
C VAL C 30 12.19 -26.18 18.29
N HIS C 31 12.92 -25.13 17.94
CA HIS C 31 12.94 -24.61 16.56
C HIS C 31 13.66 -25.61 15.65
N SER C 32 13.42 -25.51 14.35
CA SER C 32 14.07 -26.38 13.35
C SER C 32 15.60 -26.37 13.41
N ASN C 33 16.18 -25.29 13.95
CA ASN C 33 17.63 -25.19 14.11
C ASN C 33 18.14 -25.79 15.43
N GLY C 34 17.23 -26.48 16.14
CA GLY C 34 17.56 -27.12 17.42
C GLY C 34 17.50 -26.25 18.67
N ASN C 35 17.17 -24.97 18.49
CA ASN C 35 17.09 -24.01 19.60
C ASN C 35 15.70 -23.87 20.15
N THR C 36 15.61 -23.66 21.46
CA THR C 36 14.32 -23.44 22.08
C THR C 36 14.20 -21.95 22.41
N TYR C 37 13.36 -21.26 21.65
CA TYR C 37 13.10 -19.84 21.90
C TYR C 37 11.92 -19.68 22.86
N LEU C 38 12.23 -19.85 24.14
CA LEU C 38 11.30 -19.63 25.24
C LEU C 38 11.86 -18.49 26.05
N GLU C 39 11.07 -17.42 26.18
CA GLU C 39 11.42 -16.22 26.91
C GLU C 39 10.41 -15.91 28.02
N TRP C 40 10.86 -15.23 29.08
CA TRP C 40 10.01 -14.71 30.14
C TRP C 40 10.11 -13.19 30.17
N TYR C 41 8.94 -12.54 30.31
CA TYR C 41 8.81 -11.07 30.38
C TYR C 41 8.09 -10.64 31.66
N LEU C 42 8.48 -9.48 32.19
CA LEU C 42 7.73 -8.84 33.26
C LEU C 42 7.15 -7.51 32.80
N GLN C 43 5.87 -7.30 33.08
CA GLN C 43 5.21 -6.03 32.75
C GLN C 43 4.63 -5.37 33.98
N LYS C 44 5.00 -4.11 34.19
CA LYS C 44 4.45 -3.32 35.26
C LYS C 44 3.39 -2.36 34.67
N PRO C 45 2.34 -2.01 35.45
CA PRO C 45 1.26 -1.17 34.90
C PRO C 45 1.76 0.10 34.19
N GLY C 46 1.23 0.35 33.00
CA GLY C 46 1.62 1.52 32.20
C GLY C 46 2.97 1.48 31.50
N GLN C 47 3.62 0.32 31.52
CA GLN C 47 4.93 0.16 30.90
C GLN C 47 4.92 -1.00 29.92
N SER C 48 5.85 -0.98 28.98
CA SER C 48 6.05 -2.09 28.07
C SER C 48 6.62 -3.26 28.85
N PRO C 49 6.38 -4.49 28.38
CA PRO C 49 7.04 -5.63 29.03
C PRO C 49 8.56 -5.50 28.92
N LYS C 50 9.26 -6.11 29.88
CA LYS C 50 10.72 -6.09 29.89
C LYS C 50 11.21 -7.53 29.88
N LEU C 51 12.23 -7.78 29.05
CA LEU C 51 12.82 -9.10 28.94
C LEU C 51 13.61 -9.52 30.19
N LEU C 52 13.29 -10.71 30.70
CA LEU C 52 14.00 -11.28 31.85
C LEU C 52 14.88 -12.48 31.46
N ILE C 53 14.28 -13.50 30.84
CA ILE C 53 14.98 -14.73 30.48
C ILE C 53 14.83 -15.00 29.00
N TYR C 54 15.89 -15.49 28.36
CA TYR C 54 15.83 -15.83 26.93
C TYR C 54 16.45 -17.20 26.72
N LYS C 55 15.99 -17.89 25.68
CA LYS C 55 16.32 -19.29 25.40
C LYS C 55 16.29 -20.16 26.66
N VAL C 56 15.15 -20.12 27.34
CA VAL C 56 14.81 -20.96 28.50
C VAL C 56 15.49 -20.53 29.79
N SER C 57 16.80 -20.31 29.76
CA SER C 57 17.56 -20.29 31.01
C SER C 57 18.55 -19.15 31.17
N ASN C 58 18.65 -18.29 30.18
CA ASN C 58 19.64 -17.22 30.20
C ASN C 58 19.07 -15.92 30.69
N ARG C 59 19.78 -15.27 31.62
CA ARG C 59 19.29 -14.01 32.17
C ARG C 59 19.69 -12.86 31.26
N PHE C 60 18.76 -11.95 31.05
CA PHE C 60 19.04 -10.79 30.22
C PHE C 60 19.70 -9.69 31.06
N SER C 61 20.19 -8.63 30.42
CA SER C 61 20.87 -7.53 31.11
C SER C 61 20.06 -6.95 32.27
N GLY C 62 20.73 -6.70 33.40
CA GLY C 62 20.08 -6.13 34.58
C GLY C 62 19.21 -7.04 35.43
N VAL C 63 19.16 -8.32 35.09
CA VAL C 63 18.30 -9.26 35.81
C VAL C 63 19.14 -9.96 36.88
N PRO C 64 18.75 -9.83 38.16
CA PRO C 64 19.58 -10.38 39.25
C PRO C 64 19.50 -11.91 39.34
N ASP C 65 20.49 -12.54 39.98
CA ASP C 65 20.65 -14.00 39.93
C ASP C 65 19.58 -14.73 40.75
N ARG C 66 18.66 -13.96 41.34
CA ARG C 66 17.51 -14.56 42.02
C ARG C 66 16.46 -15.05 41.01
N PHE C 67 16.52 -14.55 39.78
CA PHE C 67 15.68 -15.09 38.70
C PHE C 67 16.44 -16.21 38.02
N SER C 68 15.75 -17.34 37.81
CA SER C 68 16.33 -18.43 37.02
C SER C 68 15.26 -19.13 36.22
N GLY C 69 15.56 -19.40 34.95
CA GLY C 69 14.67 -20.15 34.09
C GLY C 69 15.15 -21.56 33.82
N SER C 70 14.23 -22.51 33.78
CA SER C 70 14.60 -23.91 33.49
C SER C 70 13.49 -24.59 32.72
N GLY C 71 13.71 -25.86 32.37
CA GLY C 71 12.70 -26.67 31.69
C GLY C 71 13.17 -27.14 30.32
N SER C 72 12.37 -27.96 29.67
CA SER C 72 12.69 -28.45 28.33
C SER C 72 11.46 -29.05 27.66
N GLY C 73 11.53 -29.18 26.33
CA GLY C 73 10.44 -29.76 25.55
C GLY C 73 9.20 -28.90 25.64
N THR C 74 8.29 -29.27 26.55
CA THR C 74 7.05 -28.53 26.73
C THR C 74 6.80 -28.00 28.15
N ASP C 75 7.71 -28.25 29.09
CA ASP C 75 7.49 -27.84 30.47
C ASP C 75 8.62 -26.91 30.96
N PHE C 76 8.24 -25.68 31.35
CA PHE C 76 9.20 -24.64 31.70
C PHE C 76 8.80 -23.95 33.02
N THR C 77 9.79 -23.40 33.72
CA THR C 77 9.57 -22.82 35.06
C THR C 77 10.42 -21.58 35.29
N LEU C 78 9.80 -20.53 35.84
CA LEU C 78 10.53 -19.35 36.29
C LEU C 78 10.54 -19.38 37.81
N LYS C 79 11.71 -19.27 38.42
CA LYS C 79 11.81 -19.18 39.86
C LYS C 79 12.42 -17.84 40.30
N ILE C 80 11.79 -17.25 41.30
CA ILE C 80 12.22 -16.03 41.95
C ILE C 80 12.36 -16.42 43.42
N SER C 81 13.55 -16.23 44.00
CA SER C 81 13.86 -16.92 45.26
C SER C 81 13.75 -16.10 46.55
N ARG C 82 13.77 -14.79 46.42
CA ARG C 82 13.57 -13.88 47.54
C ARG C 82 12.86 -12.62 47.02
N VAL C 83 11.59 -12.82 46.66
CA VAL C 83 10.75 -11.79 46.03
C VAL C 83 10.87 -10.41 46.69
N GLU C 84 11.21 -9.40 45.89
CA GLU C 84 11.24 -8.03 46.36
CA GLU C 84 11.25 -8.01 46.33
C GLU C 84 10.02 -7.28 45.82
N ALA C 85 9.77 -6.08 46.33
CA ALA C 85 8.61 -5.31 45.89
C ALA C 85 8.69 -4.98 44.40
N GLU C 86 9.91 -4.87 43.89
CA GLU C 86 10.13 -4.48 42.49
C GLU C 86 9.80 -5.60 41.52
N ASP C 87 9.65 -6.83 42.03
CA ASP C 87 9.35 -7.99 41.20
C ASP C 87 7.86 -8.17 40.97
N LEU C 88 7.04 -7.45 41.73
CA LEU C 88 5.59 -7.51 41.58
C LEU C 88 5.13 -6.91 40.24
N GLY C 89 4.20 -7.61 39.61
CA GLY C 89 3.74 -7.27 38.27
C GLY C 89 3.22 -8.52 37.62
N VAL C 90 3.10 -8.50 36.29
CA VAL C 90 2.58 -9.62 35.54
C VAL C 90 3.68 -10.29 34.72
N TYR C 91 3.81 -11.60 34.91
CA TYR C 91 4.83 -12.39 34.22
C TYR C 91 4.25 -13.16 33.06
N TYR C 92 4.89 -13.04 31.90
CA TYR C 92 4.46 -13.75 30.69
C TYR C 92 5.55 -14.71 30.17
N CYS C 93 5.19 -15.96 29.86
CA CYS C 93 6.08 -16.75 29.01
C CYS C 93 5.76 -16.45 27.54
N PHE C 94 6.63 -16.91 26.65
CA PHE C 94 6.50 -16.63 25.24
C PHE C 94 7.32 -17.68 24.49
N GLN C 95 6.82 -18.14 23.34
CA GLN C 95 7.60 -19.01 22.47
C GLN C 95 7.77 -18.31 21.12
N GLY C 96 9.01 -18.28 20.63
CA GLY C 96 9.31 -17.62 19.38
C GLY C 96 9.73 -18.62 18.33
N SER C 97 9.27 -19.87 18.48
CA SER C 97 9.74 -20.99 17.64
C SER C 97 8.84 -21.28 16.43
N HIS C 98 7.53 -21.10 16.60
CA HIS C 98 6.57 -21.40 15.53
C HIS C 98 5.59 -20.26 15.36
N VAL C 99 5.38 -19.88 14.10
CA VAL C 99 4.47 -18.81 13.73
C VAL C 99 3.02 -19.34 13.80
N PRO C 100 2.09 -18.57 14.41
CA PRO C 100 2.30 -17.27 15.04
C PRO C 100 3.03 -17.42 16.37
N LEU C 101 3.88 -16.45 16.69
CA LEU C 101 4.53 -16.40 17.98
C LEU C 101 3.46 -16.12 19.03
N THR C 102 3.56 -16.78 20.18
CA THR C 102 2.50 -16.76 21.17
C THR C 102 3.03 -16.56 22.58
N PHE C 103 2.28 -15.78 23.36
CA PHE C 103 2.50 -15.55 24.79
C PHE C 103 1.55 -16.38 25.64
N GLY C 104 1.94 -16.63 26.90
CA GLY C 104 1.04 -17.12 27.92
C GLY C 104 0.04 -16.03 28.25
N ALA C 105 -0.94 -16.33 29.11
CA ALA C 105 -1.99 -15.36 29.47
C ALA C 105 -1.57 -14.42 30.60
N GLY C 106 -0.42 -14.71 31.20
CA GLY C 106 0.17 -13.88 32.23
C GLY C 106 -0.13 -14.38 33.64
N THR C 107 0.88 -14.26 34.51
CA THR C 107 0.77 -14.60 35.92
C THR C 107 1.04 -13.36 36.74
N LYS C 108 0.05 -12.95 37.52
CA LYS C 108 0.17 -11.78 38.34
C LYS C 108 0.78 -12.17 39.69
N LEU C 109 1.94 -11.58 39.99
CA LEU C 109 2.60 -11.80 41.27
C LEU C 109 2.15 -10.71 42.23
N GLU C 110 1.48 -11.11 43.31
CA GLU C 110 0.82 -10.16 44.22
C GLU C 110 1.18 -10.49 45.67
N ILE C 111 0.76 -9.65 46.63
CA ILE C 111 1.10 -9.91 48.03
C ILE C 111 -0.06 -10.55 48.82
N LYS C 112 0.28 -11.48 49.72
CA LYS C 112 -0.69 -12.06 50.63
C LYS C 112 -0.94 -11.08 51.76
N ARG C 113 -2.08 -11.26 52.42
CA ARG C 113 -2.42 -10.58 53.67
C ARG C 113 -3.57 -11.35 54.27
N ALA C 114 -4.02 -10.91 55.45
CA ALA C 114 -5.14 -11.53 56.14
C ALA C 114 -6.44 -11.27 55.37
N ASP C 115 -7.45 -12.09 55.59
CA ASP C 115 -8.74 -11.85 54.98
C ASP C 115 -9.30 -10.51 55.43
N ALA C 116 -9.96 -9.81 54.51
CA ALA C 116 -10.69 -8.58 54.88
C ALA C 116 -12.11 -8.62 54.30
N ALA C 117 -13.11 -8.33 55.13
CA ALA C 117 -14.50 -8.24 54.66
C ALA C 117 -14.66 -6.95 53.86
N PRO C 118 -15.37 -7.03 52.71
CA PRO C 118 -15.68 -5.84 51.91
C PRO C 118 -16.70 -4.91 52.58
N THR C 119 -16.51 -3.61 52.42
CA THR C 119 -17.52 -2.63 52.81
C THR C 119 -18.40 -2.38 51.58
N VAL C 120 -19.67 -2.72 51.69
CA VAL C 120 -20.58 -2.61 50.56
C VAL C 120 -21.52 -1.40 50.75
N SER C 121 -21.69 -0.63 49.68
CA SER C 121 -22.47 0.61 49.73
C SER C 121 -23.23 0.73 48.42
N ILE C 122 -24.52 1.03 48.50
CA ILE C 122 -25.37 1.05 47.32
C ILE C 122 -25.98 2.44 47.12
N PHE C 123 -26.10 2.88 45.86
CA PHE C 123 -26.53 4.24 45.53
C PHE C 123 -27.58 4.23 44.42
N PRO C 124 -28.81 4.70 44.70
CA PRO C 124 -29.78 4.90 43.61
C PRO C 124 -29.27 5.91 42.58
N PRO C 125 -29.92 5.96 41.41
CA PRO C 125 -29.65 7.00 40.45
C PRO C 125 -29.85 8.33 41.10
N SER C 126 -28.97 9.29 40.78
CA SER C 126 -29.14 10.64 41.24
C SER C 126 -30.35 11.26 40.54
N SER C 127 -30.91 12.31 41.15
CA SER C 127 -32.00 13.04 40.53
C SER C 127 -31.51 13.66 39.22
N GLU C 128 -30.26 14.11 39.23
CA GLU C 128 -29.59 14.71 38.08
C GLU C 128 -29.61 13.75 36.89
N GLN C 129 -29.24 12.49 37.14
CA GLN C 129 -29.17 11.52 36.07
C GLN C 129 -30.58 11.21 35.63
N LEU C 130 -31.49 11.11 36.60
CA LEU C 130 -32.88 10.85 36.27
C LEU C 130 -33.49 11.96 35.40
N THR C 131 -33.18 13.23 35.70
CA THR C 131 -33.76 14.28 34.84
C THR C 131 -33.15 14.31 33.45
N SER C 132 -31.94 13.78 33.31
CA SER C 132 -31.28 13.70 32.02
C SER C 132 -31.72 12.46 31.25
N GLY C 133 -32.58 11.65 31.86
CA GLY C 133 -33.16 10.50 31.17
C GLY C 133 -32.46 9.15 31.32
N GLY C 134 -31.51 9.05 32.25
CA GLY C 134 -30.82 7.77 32.49
C GLY C 134 -30.95 7.28 33.93
N ALA C 135 -30.48 6.07 34.18
CA ALA C 135 -30.55 5.48 35.52
C ALA C 135 -29.48 4.42 35.70
N SER C 136 -28.50 4.75 36.53
CA SER C 136 -27.45 3.83 36.94
C SER C 136 -27.55 3.62 38.44
N VAL C 137 -27.64 2.35 38.85
CA VAL C 137 -27.57 1.99 40.26
C VAL C 137 -26.13 1.53 40.55
N VAL C 138 -25.50 2.09 41.58
CA VAL C 138 -24.06 1.87 41.79
C VAL C 138 -23.84 1.14 43.09
N CYS C 139 -22.96 0.12 43.05
CA CYS C 139 -22.54 -0.61 44.24
C CYS C 139 -21.00 -0.63 44.34
N PHE C 140 -20.48 -0.11 45.44
CA PHE C 140 -19.06 -0.17 45.73
C PHE C 140 -18.83 -1.30 46.70
N LEU C 141 -17.81 -2.11 46.43
CA LEU C 141 -17.42 -3.19 47.32
C LEU C 141 -15.95 -3.00 47.62
N ASN C 142 -15.65 -2.45 48.79
CA ASN C 142 -14.34 -1.85 49.06
C ASN C 142 -13.47 -2.58 50.09
N ASN C 143 -12.16 -2.48 49.87
CA ASN C 143 -11.11 -2.96 50.81
C ASN C 143 -11.32 -4.42 51.27
N PHE C 144 -11.39 -5.31 50.30
CA PHE C 144 -11.54 -6.74 50.59
C PHE C 144 -10.31 -7.59 50.22
N TYR C 145 -10.17 -8.72 50.92
CA TYR C 145 -9.13 -9.72 50.60
C TYR C 145 -9.66 -11.10 50.97
N PRO C 146 -9.44 -12.12 50.11
CA PRO C 146 -8.76 -12.13 48.81
C PRO C 146 -9.56 -11.43 47.73
N LYS C 147 -9.05 -11.45 46.51
CA LYS C 147 -9.62 -10.73 45.37
C LYS C 147 -10.83 -11.42 44.77
N ASP C 148 -10.98 -12.69 45.08
CA ASP C 148 -12.11 -13.45 44.56
C ASP C 148 -13.41 -12.98 45.25
N ILE C 149 -14.32 -12.45 44.45
CA ILE C 149 -15.62 -11.97 44.96
C ILE C 149 -16.72 -12.16 43.91
N ASN C 150 -17.95 -12.32 44.37
CA ASN C 150 -19.08 -12.46 43.46
C ASN C 150 -20.20 -11.45 43.76
N VAL C 151 -20.63 -10.74 42.72
CA VAL C 151 -21.71 -9.74 42.82
C VAL C 151 -22.94 -10.09 41.97
N LYS C 152 -24.12 -10.09 42.58
CA LYS C 152 -25.35 -10.23 41.79
C LYS C 152 -26.37 -9.14 42.13
N TRP C 153 -27.08 -8.71 41.10
CA TRP C 153 -28.13 -7.71 41.21
C TRP C 153 -29.47 -8.39 41.15
N LYS C 154 -30.41 -7.85 41.93
CA LYS C 154 -31.81 -8.26 41.90
C LYS C 154 -32.68 -7.00 41.80
N ILE C 155 -33.71 -7.06 40.95
CA ILE C 155 -34.71 -6.01 40.79
C ILE C 155 -36.06 -6.63 41.12
N ASP C 156 -36.69 -6.13 42.18
CA ASP C 156 -37.95 -6.68 42.70
C ASP C 156 -37.87 -8.20 42.89
N GLY C 157 -36.69 -8.67 43.31
CA GLY C 157 -36.49 -10.09 43.65
C GLY C 157 -36.05 -11.00 42.53
N SER C 158 -36.01 -10.48 41.30
CA SER C 158 -35.60 -11.23 40.11
C SER C 158 -34.18 -10.87 39.67
N GLU C 159 -33.26 -11.82 39.81
CA GLU C 159 -31.85 -11.61 39.45
C GLU C 159 -31.74 -10.97 38.08
N ARG C 160 -30.88 -9.97 37.97
CA ARG C 160 -30.67 -9.24 36.74
C ARG C 160 -29.21 -9.33 36.30
N GLN C 161 -28.96 -9.69 35.04
CA GLN C 161 -27.58 -9.82 34.54
C GLN C 161 -27.16 -8.90 33.39
N ASN C 162 -28.07 -8.58 32.46
CA ASN C 162 -27.78 -7.56 31.43
C ASN C 162 -27.58 -6.19 32.05
N GLY C 163 -26.74 -5.37 31.43
CA GLY C 163 -26.55 -3.98 31.86
C GLY C 163 -25.67 -3.80 33.08
N VAL C 164 -25.26 -4.90 33.71
CA VAL C 164 -24.31 -4.89 34.81
C VAL C 164 -22.89 -4.71 34.29
N LEU C 165 -22.22 -3.67 34.75
CA LEU C 165 -20.84 -3.36 34.38
C LEU C 165 -19.96 -3.28 35.63
N ASN C 166 -18.84 -4.00 35.60
CA ASN C 166 -17.94 -4.08 36.75
C ASN C 166 -16.57 -3.46 36.47
N SER C 167 -15.94 -2.91 37.51
CA SER C 167 -14.59 -2.36 37.36
C SER C 167 -13.78 -2.60 38.62
N TRP C 168 -12.50 -2.95 38.43
CA TRP C 168 -11.63 -3.39 39.53
C TRP C 168 -10.39 -2.52 39.67
N THR C 169 -10.00 -2.25 40.91
CA THR C 169 -8.72 -1.62 41.19
C THR C 169 -7.62 -2.69 41.21
N ASP C 170 -6.38 -2.28 40.97
CA ASP C 170 -5.22 -3.11 41.29
C ASP C 170 -5.10 -3.22 42.82
N GLN C 171 -4.37 -4.24 43.29
CA GLN C 171 -4.11 -4.39 44.73
C GLN C 171 -3.58 -3.09 45.29
N ASP C 172 -4.16 -2.62 46.40
CA ASP C 172 -3.78 -1.35 47.02
C ASP C 172 -2.32 -1.30 47.49
N SER C 173 -1.63 -0.20 47.18
CA SER C 173 -0.20 -0.06 47.50
C SER C 173 0.09 -0.07 49.00
N LYS C 174 -0.86 0.43 49.79
CA LYS C 174 -0.67 0.59 51.23
C LYS C 174 -1.29 -0.46 52.15
N ASP C 175 -2.48 -0.95 51.82
CA ASP C 175 -3.08 -1.99 52.65
C ASP C 175 -3.24 -3.35 51.97
N SER C 176 -2.90 -3.43 50.69
CA SER C 176 -2.90 -4.71 49.98
C SER C 176 -4.31 -5.32 49.76
N THR C 177 -5.36 -4.52 49.93
CA THR C 177 -6.74 -4.99 49.67
C THR C 177 -7.14 -4.74 48.22
N TYR C 178 -8.32 -5.24 47.84
CA TYR C 178 -8.87 -5.02 46.49
C TYR C 178 -10.19 -4.27 46.63
N SER C 179 -10.55 -3.51 45.59
CA SER C 179 -11.86 -2.85 45.55
C SER C 179 -12.55 -3.10 44.20
N MET C 180 -13.86 -2.89 44.16
CA MET C 180 -14.63 -3.14 42.94
C MET C 180 -15.88 -2.27 42.93
N SER C 181 -16.27 -1.87 41.71
CA SER C 181 -17.46 -1.05 41.48
C SER C 181 -18.34 -1.77 40.49
N SER C 182 -19.60 -1.96 40.85
CA SER C 182 -20.55 -2.66 40.02
C SER C 182 -21.71 -1.71 39.75
N THR C 183 -21.99 -1.45 38.48
CA THR C 183 -23.04 -0.51 38.11
C THR C 183 -24.10 -1.22 37.29
N LEU C 184 -25.34 -1.18 37.78
CA LEU C 184 -26.46 -1.70 37.02
C LEU C 184 -27.09 -0.55 36.24
N THR C 185 -27.02 -0.65 34.92
CA THR C 185 -27.59 0.38 34.06
C THR C 185 -28.87 -0.10 33.40
N LEU C 186 -29.89 0.75 33.45
CA LEU C 186 -31.22 0.49 32.92
C LEU C 186 -31.68 1.81 32.35
N THR C 187 -32.74 1.77 31.56
CA THR C 187 -33.40 2.99 31.14
C THR C 187 -34.15 3.54 32.32
N LYS C 188 -34.26 4.87 32.38
CA LYS C 188 -35.12 5.54 33.34
C LYS C 188 -36.51 4.91 33.35
N ASP C 189 -36.99 4.59 32.15
CA ASP C 189 -38.29 3.96 31.94
C ASP C 189 -38.45 2.65 32.72
N GLU C 190 -37.48 1.74 32.56
CA GLU C 190 -37.48 0.48 33.30
C GLU C 190 -37.22 0.70 34.78
N TYR C 191 -36.38 1.68 35.11
CA TYR C 191 -36.06 1.94 36.51
C TYR C 191 -37.30 2.37 37.30
N GLU C 192 -38.16 3.17 36.67
CA GLU C 192 -39.36 3.67 37.33
C GLU C 192 -40.51 2.66 37.30
N ARG C 193 -40.27 1.51 36.68
CA ARG C 193 -41.25 0.41 36.65
C ARG C 193 -41.02 -0.64 37.74
N HIS C 194 -40.02 -0.42 38.59
CA HIS C 194 -39.68 -1.38 39.65
C HIS C 194 -39.35 -0.69 40.95
N ASN C 195 -39.48 -1.40 42.05
CA ASN C 195 -39.36 -0.77 43.36
C ASN C 195 -38.04 -1.05 44.09
N SER C 196 -37.74 -2.33 44.28
CA SER C 196 -36.64 -2.74 45.14
C SER C 196 -35.44 -3.13 44.29
N TYR C 197 -34.27 -2.64 44.70
CA TYR C 197 -33.01 -2.89 44.02
C TYR C 197 -32.01 -3.38 45.03
N THR C 198 -31.34 -4.48 44.68
CA THR C 198 -30.48 -5.19 45.61
C THR C 198 -29.12 -5.53 45.02
N CYS C 199 -28.07 -5.13 45.74
CA CYS C 199 -26.70 -5.50 45.46
C CYS C 199 -26.36 -6.58 46.48
N GLU C 200 -26.11 -7.81 46.06
CA GLU C 200 -25.60 -8.79 47.03
C GLU C 200 -24.24 -9.37 46.66
N ALA C 201 -23.35 -9.40 47.66
CA ALA C 201 -21.97 -9.82 47.46
C ALA C 201 -21.64 -11.10 48.22
N THR C 202 -21.02 -12.03 47.51
CA THR C 202 -20.50 -13.27 48.07
C THR C 202 -18.96 -13.20 48.19
N HIS C 203 -18.47 -13.39 49.40
CA HIS C 203 -17.02 -13.38 49.73
C HIS C 203 -16.78 -14.34 50.91
N LYS C 204 -15.58 -14.93 50.96
CA LYS C 204 -15.27 -15.95 51.96
C LYS C 204 -15.39 -15.50 53.44
N THR C 205 -15.21 -14.21 53.68
CA THR C 205 -15.31 -13.62 55.02
C THR C 205 -16.69 -13.74 55.67
N SER C 206 -17.67 -14.21 54.90
CA SER C 206 -19.06 -14.24 55.35
C SER C 206 -19.70 -15.50 54.78
N THR C 207 -20.42 -16.26 55.62
CA THR C 207 -21.16 -17.43 55.11
C THR C 207 -22.41 -16.97 54.36
N SER C 208 -23.11 -16.01 54.97
CA SER C 208 -24.25 -15.34 54.35
C SER C 208 -23.72 -14.25 53.41
N PRO C 209 -24.35 -14.09 52.22
CA PRO C 209 -23.98 -12.98 51.34
C PRO C 209 -24.21 -11.62 51.99
N ILE C 210 -23.37 -10.63 51.68
CA ILE C 210 -23.60 -9.25 52.11
C ILE C 210 -24.68 -8.69 51.19
N VAL C 211 -25.75 -8.15 51.77
CA VAL C 211 -26.86 -7.63 50.98
C VAL C 211 -27.07 -6.15 51.28
N LYS C 212 -26.96 -5.33 50.24
CA LYS C 212 -27.41 -3.95 50.33
C LYS C 212 -28.54 -3.68 49.34
N SER C 213 -29.59 -3.01 49.81
CA SER C 213 -30.72 -2.67 48.96
C SER C 213 -31.42 -1.39 49.35
N PHE C 214 -32.32 -0.95 48.48
CA PHE C 214 -33.22 0.15 48.76
C PHE C 214 -34.52 -0.06 47.98
N ASN C 215 -35.58 0.63 48.40
CA ASN C 215 -36.90 0.55 47.79
C ASN C 215 -37.35 1.94 47.37
N ARG C 216 -37.63 2.12 46.08
CA ARG C 216 -38.04 3.41 45.52
C ARG C 216 -39.29 4.01 46.17
N ASN C 217 -40.17 3.15 46.68
CA ASN C 217 -41.34 3.62 47.43
C ASN C 217 -40.96 4.53 48.59
N GLU C 218 -39.89 4.16 49.29
CA GLU C 218 -39.42 4.84 50.50
C GLU C 218 -38.45 6.00 50.22
N CYS C 219 -38.24 6.29 48.94
CA CYS C 219 -37.32 7.34 48.52
C CYS C 219 -37.97 8.71 48.61
N GLN D 1 22.79 -0.97 21.79
CA GLN D 1 21.52 -0.59 22.49
C GLN D 1 20.68 0.36 21.64
N VAL D 2 19.46 -0.07 21.32
CA VAL D 2 18.64 0.57 20.28
C VAL D 2 17.28 1.07 20.81
N THR D 3 16.58 1.90 20.04
CA THR D 3 15.22 2.33 20.44
C THR D 3 14.19 2.31 19.30
N LEU D 4 12.92 2.13 19.67
CA LEU D 4 11.79 2.13 18.73
C LEU D 4 10.65 3.01 19.29
N LYS D 5 9.93 3.66 18.38
CA LYS D 5 8.90 4.64 18.79
C LYS D 5 7.71 4.59 17.81
N GLU D 6 6.51 4.43 18.35
CA GLU D 6 5.27 4.27 17.57
C GLU D 6 4.56 5.61 17.40
N SER D 7 4.03 5.86 16.20
CA SER D 7 3.31 7.10 15.96
C SER D 7 2.18 6.97 14.96
N GLY D 8 1.08 7.67 15.23
CA GLY D 8 -0.11 7.70 14.36
C GLY D 8 -1.39 8.03 15.15
N PRO D 9 -2.57 7.95 14.48
CA PRO D 9 -3.80 8.40 15.13
C PRO D 9 -4.09 7.64 16.41
N GLY D 10 -4.44 8.35 17.47
CA GLY D 10 -4.83 7.73 18.72
C GLY D 10 -6.31 7.38 18.74
N ILE D 11 -7.06 7.94 17.78
CA ILE D 11 -8.50 7.75 17.66
C ILE D 11 -8.87 7.59 16.18
N LEU D 12 -9.64 6.57 15.87
CA LEU D 12 -10.28 6.50 14.57
C LEU D 12 -11.64 5.79 14.63
N LYS D 13 -12.37 5.80 13.53
CA LYS D 13 -13.73 5.28 13.48
C LYS D 13 -13.76 3.91 12.82
N PRO D 14 -14.75 3.07 13.19
CA PRO D 14 -14.87 1.81 12.49
C PRO D 14 -14.98 2.01 10.97
N SER D 15 -14.35 1.09 10.21
CA SER D 15 -14.22 1.12 8.73
C SER D 15 -13.00 1.89 8.22
N GLN D 16 -12.44 2.74 9.08
CA GLN D 16 -11.30 3.57 8.71
C GLN D 16 -10.02 2.74 8.71
N THR D 17 -8.96 3.29 8.14
CA THR D 17 -7.66 2.63 8.07
C THR D 17 -6.74 3.14 9.20
N LEU D 18 -6.33 2.25 10.10
CA LEU D 18 -5.30 2.57 11.09
C LEU D 18 -3.93 2.42 10.47
N SER D 19 -3.15 3.51 10.54
CA SER D 19 -1.76 3.48 10.12
C SER D 19 -0.82 3.98 11.23
N LEU D 20 0.19 3.17 11.54
CA LEU D 20 1.17 3.45 12.60
C LEU D 20 2.57 3.35 12.03
N THR D 21 3.43 4.27 12.44
CA THR D 21 4.84 4.23 12.06
C THR D 21 5.69 3.83 13.25
N CYS D 22 6.70 3.01 13.00
CA CYS D 22 7.72 2.76 13.98
C CYS D 22 9.04 3.36 13.50
N SER D 23 9.50 4.38 14.24
CA SER D 23 10.79 5.04 13.98
C SER D 23 11.92 4.34 14.75
N LEU D 24 12.99 4.04 14.04
CA LEU D 24 14.06 3.22 14.58
C LEU D 24 15.30 4.07 14.81
N SER D 25 16.09 3.74 15.83
CA SER D 25 17.42 4.31 16.00
C SER D 25 18.31 3.32 16.70
N GLY D 26 19.60 3.34 16.33
CA GLY D 26 20.58 2.43 16.94
C GLY D 26 20.87 1.18 16.13
N PHE D 27 20.19 1.05 14.99
CA PHE D 27 20.39 -0.08 14.09
C PHE D 27 19.79 0.25 12.75
N SER D 28 19.98 -0.64 11.78
CA SER D 28 19.51 -0.41 10.44
C SER D 28 18.73 -1.62 9.97
N LEU D 29 17.60 -1.37 9.31
CA LEU D 29 16.77 -2.43 8.78
C LEU D 29 17.47 -3.28 7.72
N ARG D 30 18.54 -2.74 7.14
CA ARG D 30 19.26 -3.41 6.05
C ARG D 30 20.37 -4.35 6.55
N THR D 31 20.58 -4.37 7.86
CA THR D 31 21.50 -5.29 8.52
C THR D 31 20.97 -6.73 8.55
N SER D 32 21.78 -7.67 8.08
CA SER D 32 21.51 -9.09 8.26
C SER D 32 21.54 -9.43 9.78
N GLY D 33 20.66 -10.28 10.32
CA GLY D 33 19.31 -10.54 9.87
C GLY D 33 18.38 -9.80 10.84
N MET D 34 18.30 -8.48 10.64
CA MET D 34 17.45 -7.65 11.46
C MET D 34 15.98 -7.83 11.11
N GLY D 35 15.12 -7.56 12.08
CA GLY D 35 13.68 -7.70 11.91
C GLY D 35 12.95 -6.85 12.91
N VAL D 36 11.79 -6.34 12.50
CA VAL D 36 10.95 -5.49 13.37
C VAL D 36 9.51 -5.96 13.21
N GLY D 37 8.75 -5.94 14.29
CA GLY D 37 7.36 -6.35 14.26
C GLY D 37 6.46 -5.55 15.18
N TRP D 38 5.28 -6.09 15.39
CA TRP D 38 4.23 -5.40 16.10
C TRP D 38 3.51 -6.39 16.99
N ILE D 39 3.20 -5.94 18.20
CA ILE D 39 2.47 -6.71 19.19
C ILE D 39 1.40 -5.73 19.73
N ARG D 40 0.19 -6.20 20.02
CA ARG D 40 -0.78 -5.32 20.69
C ARG D 40 -1.37 -5.94 21.97
N GLN D 41 -1.97 -5.10 22.80
CA GLN D 41 -2.51 -5.52 24.07
C GLN D 41 -3.79 -4.71 24.40
N PRO D 42 -4.98 -5.34 24.30
CA PRO D 42 -6.21 -4.68 24.78
C PRO D 42 -6.13 -4.39 26.27
N SER D 43 -6.78 -3.31 26.75
CA SER D 43 -6.67 -2.95 28.16
C SER D 43 -7.12 -4.10 29.02
N GLY D 44 -6.40 -4.34 30.12
CA GLY D 44 -6.65 -5.49 31.01
C GLY D 44 -6.53 -6.88 30.40
N LYS D 45 -5.94 -7.00 29.21
CA LYS D 45 -5.77 -8.29 28.55
C LYS D 45 -4.29 -8.63 28.25
N GLY D 46 -4.05 -9.82 27.69
CA GLY D 46 -2.70 -10.26 27.37
C GLY D 46 -2.08 -9.64 26.12
N LEU D 47 -0.95 -10.22 25.69
CA LEU D 47 -0.17 -9.75 24.57
C LEU D 47 -0.44 -10.62 23.34
N GLU D 48 -0.56 -9.97 22.19
CA GLU D 48 -0.92 -10.63 20.94
C GLU D 48 0.08 -10.21 19.86
N TRP D 49 0.87 -11.17 19.39
CA TRP D 49 1.79 -10.92 18.29
C TRP D 49 1.06 -10.74 16.97
N LEU D 50 1.42 -9.68 16.23
CA LEU D 50 0.76 -9.37 14.94
C LEU D 50 1.50 -9.74 13.67
N ALA D 51 2.71 -9.20 13.48
CA ALA D 51 3.45 -9.44 12.24
C ALA D 51 4.93 -9.07 12.45
N HIS D 52 5.79 -9.52 11.54
CA HIS D 52 7.22 -9.22 11.59
C HIS D 52 7.72 -9.05 10.16
N ILE D 53 8.71 -8.18 9.99
CA ILE D 53 9.28 -7.91 8.68
C ILE D 53 10.80 -7.94 8.82
N TRP D 54 11.45 -8.61 7.86
CA TRP D 54 12.88 -8.86 7.89
C TRP D 54 13.66 -7.98 6.91
N TRP D 55 14.97 -7.94 7.12
CA TRP D 55 15.89 -7.26 6.22
C TRP D 55 15.78 -7.72 4.77
N ASP D 56 15.45 -9.00 4.58
CA ASP D 56 15.41 -9.62 3.25
C ASP D 56 14.02 -9.52 2.57
N ASP D 57 13.16 -8.68 3.15
CA ASP D 57 11.76 -8.47 2.68
C ASP D 57 10.78 -9.55 3.09
N ASP D 58 11.27 -10.66 3.63
CA ASP D 58 10.36 -11.68 4.13
C ASP D 58 9.48 -11.05 5.21
N LYS D 59 8.28 -11.60 5.37
CA LYS D 59 7.28 -11.09 6.31
C LYS D 59 6.62 -12.29 6.92
N ASN D 60 6.33 -12.23 8.22
CA ASN D 60 5.51 -13.22 8.92
C ASN D 60 4.26 -12.60 9.47
N TYR D 61 3.12 -13.23 9.23
CA TYR D 61 1.82 -12.73 9.72
C TYR D 61 1.12 -13.73 10.62
N ASN D 62 0.43 -13.22 11.63
CA ASN D 62 -0.44 -14.06 12.44
C ASN D 62 -1.67 -14.39 11.62
N PRO D 63 -1.86 -15.68 11.30
CA PRO D 63 -3.02 -16.09 10.50
C PRO D 63 -4.28 -16.13 11.34
N SER D 64 -4.12 -15.93 12.65
CA SER D 64 -5.20 -16.20 13.58
C SER D 64 -5.89 -14.93 14.06
N LEU D 65 -6.12 -13.97 13.17
CA LEU D 65 -6.88 -12.79 13.57
C LEU D 65 -7.79 -12.21 12.50
N LYS D 66 -8.59 -11.21 12.91
CA LYS D 66 -9.77 -10.75 12.18
C LYS D 66 -9.72 -10.20 10.74
N SER D 67 -9.35 -8.95 10.43
CA SER D 67 -8.41 -7.97 11.08
C SER D 67 -7.26 -7.91 10.07
N GLN D 68 -7.45 -7.03 9.08
CA GLN D 68 -6.66 -7.05 7.84
C GLN D 68 -5.31 -6.33 7.97
N LEU D 69 -4.24 -7.10 8.16
CA LEU D 69 -2.93 -6.53 8.56
C LEU D 69 -2.00 -6.32 7.40
N THR D 70 -1.26 -5.20 7.43
CA THR D 70 -0.13 -4.98 6.56
C THR D 70 1.08 -4.52 7.39
N ILE D 71 2.19 -5.23 7.26
CA ILE D 71 3.45 -4.72 7.77
C ILE D 71 4.30 -4.33 6.57
N SER D 72 5.02 -3.23 6.68
CA SER D 72 5.83 -2.78 5.55
C SER D 72 6.93 -1.96 6.13
N LYS D 73 7.88 -1.57 5.28
CA LYS D 73 9.03 -0.82 5.73
C LYS D 73 9.49 0.16 4.66
N ASP D 74 10.14 1.23 5.11
CA ASP D 74 10.79 2.18 4.22
C ASP D 74 12.25 2.15 4.61
N THR D 75 13.02 1.41 3.84
CA THR D 75 14.42 1.17 4.15
C THR D 75 15.31 2.42 4.16
N SER D 76 15.05 3.38 3.27
CA SER D 76 15.85 4.61 3.21
C SER D 76 15.61 5.57 4.39
N ARG D 77 14.41 5.55 4.94
CA ARG D 77 14.07 6.37 6.10
C ARG D 77 14.16 5.58 7.42
N ASN D 78 14.50 4.29 7.34
CA ASN D 78 14.63 3.42 8.52
C ASN D 78 13.33 3.38 9.34
N GLN D 79 12.23 3.07 8.65
CA GLN D 79 10.90 3.12 9.26
C GLN D 79 10.16 1.85 8.96
N VAL D 80 9.36 1.38 9.91
CA VAL D 80 8.50 0.23 9.71
C VAL D 80 7.07 0.72 9.98
N PHE D 81 6.09 0.13 9.30
CA PHE D 81 4.71 0.61 9.36
C PHE D 81 3.77 -0.54 9.62
N LEU D 82 2.65 -0.23 10.26
CA LEU D 82 1.55 -1.15 10.42
C LEU D 82 0.30 -0.48 9.85
N LYS D 83 -0.45 -1.26 9.07
CA LYS D 83 -1.73 -0.77 8.57
C LYS D 83 -2.78 -1.80 8.94
N ILE D 84 -3.94 -1.33 9.41
CA ILE D 84 -5.10 -2.20 9.56
C ILE D 84 -6.23 -1.50 8.83
N THR D 85 -6.74 -2.11 7.75
CA THR D 85 -7.84 -1.53 6.99
C THR D 85 -9.15 -2.02 7.55
N SER D 86 -10.20 -1.20 7.44
CA SER D 86 -11.52 -1.52 7.99
C SER D 86 -11.47 -1.95 9.47
N VAL D 87 -10.96 -1.05 10.30
CA VAL D 87 -10.85 -1.34 11.75
C VAL D 87 -12.23 -1.41 12.42
N ASP D 88 -12.31 -2.11 13.55
CA ASP D 88 -13.51 -2.05 14.38
CA ASP D 88 -13.52 -2.17 14.39
C ASP D 88 -13.13 -1.98 15.87
N THR D 89 -14.12 -1.70 16.71
CA THR D 89 -13.90 -1.55 18.17
C THR D 89 -12.89 -2.51 18.80
N ALA D 90 -12.80 -3.73 18.29
CA ALA D 90 -11.92 -4.77 18.85
C ALA D 90 -10.43 -4.53 18.53
N ASP D 91 -10.15 -3.62 17.62
CA ASP D 91 -8.78 -3.21 17.34
C ASP D 91 -8.27 -2.20 18.38
N THR D 92 -9.11 -1.84 19.34
CA THR D 92 -8.74 -0.89 20.40
C THR D 92 -7.69 -1.55 21.30
N ALA D 93 -6.50 -0.96 21.37
CA ALA D 93 -5.39 -1.57 22.08
C ALA D 93 -4.20 -0.63 22.19
N THR D 94 -3.26 -0.99 23.06
CA THR D 94 -1.93 -0.41 23.02
C THR D 94 -1.15 -1.21 21.99
N TYR D 95 -0.54 -0.52 21.03
CA TYR D 95 0.27 -1.13 19.99
C TYR D 95 1.76 -0.88 20.28
N TYR D 96 2.56 -1.94 20.19
CA TYR D 96 4.01 -1.89 20.42
C TYR D 96 4.77 -2.29 19.16
N CYS D 97 5.81 -1.55 18.78
CA CYS D 97 6.77 -2.14 17.85
C CYS D 97 7.95 -2.68 18.63
N VAL D 98 8.52 -3.76 18.10
CA VAL D 98 9.53 -4.52 18.79
C VAL D 98 10.60 -4.95 17.79
N ARG D 99 11.85 -4.96 18.23
CA ARG D 99 12.91 -5.54 17.43
C ARG D 99 12.99 -7.04 17.70
N ARG D 100 13.30 -7.80 16.66
CA ARG D 100 13.61 -9.23 16.83
C ARG D 100 14.49 -9.73 15.68
N ALA D 101 15.80 -9.78 15.93
CA ALA D 101 16.78 -10.34 15.00
C ALA D 101 16.87 -11.85 15.12
N HIS D 102 17.37 -12.49 14.06
CA HIS D 102 17.57 -13.92 13.99
C HIS D 102 18.96 -14.20 13.41
N ASN D 103 19.84 -14.77 14.25
CA ASN D 103 21.27 -15.03 13.92
C ASN D 103 22.10 -13.77 13.59
N VAL D 105 23.02 -13.68 16.66
CA VAL D 105 24.06 -13.08 17.48
C VAL D 105 23.50 -12.57 18.82
N LEU D 106 23.14 -11.30 18.85
CA LEU D 106 22.39 -10.68 19.94
C LEU D 106 21.06 -10.05 19.44
N GLY D 107 20.02 -10.83 19.16
CA GLY D 107 19.87 -12.24 19.45
C GLY D 107 18.38 -12.47 19.31
N ASP D 108 17.89 -13.64 19.69
CA ASP D 108 16.52 -14.01 19.31
C ASP D 108 15.63 -13.76 20.50
N TRP D 109 15.13 -12.53 20.63
CA TRP D 109 14.41 -12.10 21.84
C TRP D 109 13.65 -10.81 21.56
N PHE D 110 12.71 -10.43 22.43
CA PHE D 110 12.20 -9.04 22.41
C PHE D 110 12.88 -8.25 23.51
N ALA D 111 14.16 -7.95 23.31
CA ALA D 111 14.92 -7.11 24.23
C ALA D 111 14.52 -5.63 24.16
N TYR D 112 14.18 -5.18 22.95
CA TYR D 112 13.91 -3.78 22.71
C TYR D 112 12.47 -3.53 22.25
N TRP D 113 11.70 -2.90 23.14
CA TRP D 113 10.28 -2.54 22.94
C TRP D 113 10.12 -1.04 22.77
N GLY D 114 9.19 -0.61 21.91
CA GLY D 114 8.76 0.78 21.92
C GLY D 114 8.00 0.97 23.22
N GLN D 115 7.71 2.21 23.55
CA GLN D 115 6.92 2.52 24.75
C GLN D 115 5.45 2.11 24.58
N GLY D 116 5.00 1.93 23.35
CA GLY D 116 3.61 1.60 23.08
C GLY D 116 2.73 2.81 22.90
N THR D 117 1.77 2.73 21.97
CA THR D 117 0.79 3.80 21.83
C THR D 117 -0.65 3.27 21.79
N LEU D 118 -1.56 3.94 22.49
CA LEU D 118 -2.94 3.52 22.56
C LEU D 118 -3.73 3.99 21.34
N VAL D 119 -4.41 3.07 20.69
CA VAL D 119 -5.34 3.41 19.61
C VAL D 119 -6.73 2.94 20.01
N THR D 120 -7.71 3.84 19.85
CA THR D 120 -9.08 3.61 20.22
C THR D 120 -9.95 3.69 18.94
N VAL D 121 -10.74 2.64 18.71
CA VAL D 121 -11.70 2.62 17.60
C VAL D 121 -13.06 2.96 18.20
N SER D 122 -13.63 4.06 17.75
CA SER D 122 -14.95 4.45 18.22
C SER D 122 -15.64 5.38 17.24
N ALA D 123 -16.96 5.24 17.11
CA ALA D 123 -17.79 6.13 16.31
C ALA D 123 -18.14 7.40 17.10
N ALA D 124 -17.88 7.34 18.41
CA ALA D 124 -18.18 8.44 19.30
C ALA D 124 -17.40 9.69 18.94
N LYS D 125 -18.02 10.83 19.17
CA LYS D 125 -17.38 12.09 18.95
C LYS D 125 -17.13 12.68 20.34
N THR D 126 -16.25 13.67 20.43
CA THR D 126 -15.90 14.23 21.74
C THR D 126 -17.14 14.62 22.53
N THR D 127 -17.16 14.23 23.79
CA THR D 127 -18.29 14.46 24.67
C THR D 127 -17.72 14.70 26.04
N ALA D 128 -18.14 15.81 26.65
CA ALA D 128 -17.77 16.13 28.00
C ALA D 128 -18.54 15.20 28.92
N PRO D 129 -17.94 14.83 30.08
CA PRO D 129 -18.69 13.96 30.98
C PRO D 129 -19.83 14.70 31.64
N SER D 130 -20.86 13.94 31.97
CA SER D 130 -21.87 14.36 32.89
C SER D 130 -21.48 13.79 34.27
N VAL D 131 -21.38 14.63 35.27
CA VAL D 131 -20.90 14.17 36.56
C VAL D 131 -22.07 14.08 37.53
N TYR D 132 -22.27 12.89 38.13
CA TYR D 132 -23.40 12.69 39.03
C TYR D 132 -23.00 12.41 40.48
N PRO D 133 -23.69 13.06 41.43
CA PRO D 133 -23.36 12.86 42.84
C PRO D 133 -24.00 11.58 43.37
N LEU D 134 -23.26 10.82 44.17
CA LEU D 134 -23.76 9.59 44.76
C LEU D 134 -23.81 9.73 46.28
N ALA D 135 -24.98 10.06 46.80
CA ALA D 135 -25.19 10.16 48.24
C ALA D 135 -25.99 8.96 48.74
N PRO D 136 -25.81 8.56 50.01
CA PRO D 136 -26.51 7.35 50.44
C PRO D 136 -28.00 7.64 50.64
N VAL D 137 -28.85 6.62 50.60
CA VAL D 137 -30.27 6.78 50.95
C VAL D 137 -30.44 7.16 52.43
N CYS D 138 -31.56 7.81 52.76
CA CYS D 138 -31.88 8.17 54.15
C CYS D 138 -32.15 6.92 55.01
N GLY D 139 -31.53 6.82 56.18
CA GLY D 139 -30.64 7.84 56.73
C GLY D 139 -29.17 7.44 56.72
N THR D 142 -25.64 5.28 59.06
CA THR D 142 -25.96 4.46 60.23
C THR D 142 -24.72 4.02 61.04
N GLY D 143 -23.71 3.47 60.36
CA GLY D 143 -22.56 2.87 61.01
C GLY D 143 -21.46 3.82 61.47
N SER D 144 -20.24 3.29 61.58
CA SER D 144 -19.08 4.07 61.99
C SER D 144 -18.65 5.08 60.92
N SER D 145 -18.72 4.64 59.65
CA SER D 145 -18.29 5.41 58.49
C SER D 145 -19.44 5.84 57.57
N VAL D 146 -19.11 6.67 56.58
CA VAL D 146 -20.02 6.98 55.49
C VAL D 146 -19.27 7.01 54.15
N THR D 147 -19.84 6.34 53.16
CA THR D 147 -19.27 6.31 51.81
C THR D 147 -20.11 7.14 50.86
N LEU D 148 -19.43 7.95 50.06
CA LEU D 148 -20.07 8.76 49.04
C LEU D 148 -19.37 8.46 47.73
N GLY D 149 -19.96 8.88 46.61
CA GLY D 149 -19.32 8.68 45.35
C GLY D 149 -19.66 9.72 44.30
N CYS D 150 -19.15 9.47 43.11
CA CYS D 150 -19.21 10.41 42.04
C CYS D 150 -19.20 9.59 40.77
N LEU D 151 -20.24 9.72 39.96
CA LEU D 151 -20.35 8.94 38.74
C LEU D 151 -20.01 9.84 37.56
N VAL D 152 -19.01 9.45 36.78
CA VAL D 152 -18.56 10.28 35.66
C VAL D 152 -18.97 9.57 34.39
N LYS D 153 -20.05 10.05 33.80
CA LYS D 153 -20.74 9.28 32.80
C LYS D 153 -20.74 9.90 31.39
N GLY D 154 -20.58 9.04 30.39
CA GLY D 154 -20.78 9.39 28.98
C GLY D 154 -19.78 10.36 28.39
N TYR D 155 -18.49 10.18 28.67
CA TYR D 155 -17.46 11.03 28.08
C TYR D 155 -16.63 10.31 26.99
N PHE D 156 -15.96 11.12 26.18
CA PHE D 156 -15.07 10.65 25.12
C PHE D 156 -14.16 11.80 24.68
N PRO D 157 -12.86 11.54 24.48
CA PRO D 157 -12.16 10.27 24.75
C PRO D 157 -11.62 10.22 26.18
N GLU D 158 -11.02 9.08 26.53
CA GLU D 158 -10.12 9.00 27.67
C GLU D 158 -9.06 10.06 27.48
N PRO D 159 -8.49 10.61 28.57
CA PRO D 159 -8.79 10.34 29.97
C PRO D 159 -9.58 11.44 30.68
N VAL D 160 -9.92 11.17 31.92
CA VAL D 160 -10.34 12.20 32.88
C VAL D 160 -9.47 12.05 34.11
N THR D 161 -9.36 13.11 34.89
CA THR D 161 -8.79 13.01 36.22
C THR D 161 -9.84 13.44 37.22
N LEU D 162 -9.81 12.84 38.42
CA LEU D 162 -10.74 13.20 39.46
C LEU D 162 -10.03 13.34 40.79
N THR D 163 -10.44 14.35 41.57
CA THR D 163 -10.04 14.52 42.96
C THR D 163 -11.23 14.78 43.86
N TRP D 164 -11.00 14.79 45.16
CA TRP D 164 -12.01 15.09 46.17
C TRP D 164 -11.54 16.26 47.01
N ASN D 165 -12.39 17.28 47.14
CA ASN D 165 -12.02 18.50 47.87
C ASN D 165 -10.68 19.08 47.41
N SER D 166 -10.47 19.10 46.10
CA SER D 166 -9.25 19.64 45.45
C SER D 166 -7.96 18.86 45.76
N GLY D 167 -8.10 17.60 46.18
CA GLY D 167 -6.94 16.79 46.52
C GLY D 167 -6.70 16.66 48.01
N SER D 168 -7.45 17.42 48.82
CA SER D 168 -7.28 17.37 50.29
C SER D 168 -7.95 16.18 50.97
N LEU D 169 -8.95 15.58 50.31
CA LEU D 169 -9.41 14.23 50.67
C LEU D 169 -8.71 13.21 49.78
N SER D 170 -7.67 12.59 50.33
CA SER D 170 -6.85 11.62 49.59
C SER D 170 -7.00 10.21 50.14
N SER D 171 -7.23 10.10 51.45
CA SER D 171 -7.46 8.81 52.09
C SER D 171 -8.91 8.33 51.98
N GLY D 172 -9.07 7.01 51.89
CA GLY D 172 -10.40 6.40 51.78
C GLY D 172 -11.02 6.57 50.40
N VAL D 173 -10.19 6.89 49.42
CA VAL D 173 -10.63 7.13 48.03
C VAL D 173 -10.33 5.92 47.18
N HIS D 174 -11.31 5.49 46.37
CA HIS D 174 -11.08 4.52 45.30
C HIS D 174 -11.64 5.06 43.99
N THR D 175 -10.76 5.37 43.05
CA THR D 175 -11.20 5.77 41.70
C THR D 175 -11.01 4.58 40.78
N PHE D 176 -12.09 4.16 40.13
CA PHE D 176 -12.10 2.94 39.30
C PHE D 176 -11.81 3.21 37.82
N PRO D 177 -11.11 2.27 37.14
CA PRO D 177 -10.93 2.41 35.68
C PRO D 177 -12.26 2.52 34.94
N ALA D 178 -12.30 3.36 33.91
CA ALA D 178 -13.53 3.57 33.14
C ALA D 178 -13.94 2.32 32.37
N VAL D 179 -15.23 2.11 32.18
CA VAL D 179 -15.70 1.05 31.28
C VAL D 179 -16.52 1.65 30.15
N LEU D 180 -16.68 0.89 29.07
CA LEU D 180 -17.29 1.36 27.82
C LEU D 180 -18.79 1.03 27.74
N GLN D 181 -19.55 1.96 27.20
CA GLN D 181 -20.99 1.81 27.14
C GLN D 181 -21.68 2.97 26.43
N SER D 182 -21.76 2.95 25.10
CA SER D 182 -20.68 2.56 24.18
C SER D 182 -21.04 3.47 23.01
N GLY D 183 -20.07 4.00 22.28
CA GLY D 183 -18.68 4.00 22.68
C GLY D 183 -18.34 5.24 23.49
N LEU D 184 -18.99 5.37 24.65
CA LEU D 184 -18.63 6.40 25.63
C LEU D 184 -18.15 5.76 26.94
N TYR D 185 -17.27 6.46 27.64
CA TYR D 185 -16.73 5.99 28.91
C TYR D 185 -17.55 6.42 30.11
N THR D 186 -17.62 5.52 31.10
CA THR D 186 -18.16 5.80 32.42
C THR D 186 -17.14 5.32 33.47
N LEU D 187 -16.91 6.17 34.48
CA LEU D 187 -16.01 5.91 35.60
C LEU D 187 -16.73 6.28 36.90
N SER D 188 -16.41 5.57 37.98
CA SER D 188 -16.87 5.94 39.32
C SER D 188 -15.70 6.15 40.29
N SER D 189 -15.93 6.94 41.34
CA SER D 189 -14.96 7.06 42.43
C SER D 189 -15.75 7.08 43.70
N SER D 190 -15.28 6.33 44.72
CA SER D 190 -15.90 6.36 46.04
C SER D 190 -14.99 7.09 47.02
N VAL D 191 -15.60 7.69 48.04
CA VAL D 191 -14.84 8.24 49.17
C VAL D 191 -15.54 7.96 50.50
N THR D 192 -14.74 7.53 51.48
CA THR D 192 -15.25 7.11 52.78
C THR D 192 -14.64 7.95 53.89
N VAL D 193 -15.53 8.54 54.71
CA VAL D 193 -15.18 9.41 55.82
C VAL D 193 -15.96 8.98 57.07
N THR D 194 -15.77 9.69 58.17
CA THR D 194 -16.48 9.49 59.44
C THR D 194 -17.94 9.96 59.39
N SER D 195 -18.81 9.27 60.12
CA SER D 195 -20.22 9.66 60.27
C SER D 195 -20.36 11.14 60.64
N SER D 196 -19.38 11.65 61.39
CA SER D 196 -19.38 13.04 61.88
C SER D 196 -18.54 13.98 61.00
N THR D 197 -18.31 13.61 59.76
CA THR D 197 -17.64 14.50 58.81
C THR D 197 -18.66 15.04 57.80
N TRP D 198 -19.58 14.19 57.40
CA TRP D 198 -20.54 14.52 56.37
C TRP D 198 -21.95 14.22 56.88
N PRO D 199 -22.94 15.09 56.56
CA PRO D 199 -22.89 16.25 55.67
C PRO D 199 -22.61 17.59 56.34
N SER D 200 -22.14 17.57 57.58
CA SER D 200 -21.78 18.81 58.29
C SER D 200 -20.63 19.55 57.59
N GLN D 201 -19.66 18.79 57.08
CA GLN D 201 -18.57 19.32 56.26
C GLN D 201 -18.83 19.04 54.77
N SER D 202 -18.45 19.98 53.92
CA SER D 202 -18.60 19.85 52.46
C SER D 202 -17.67 18.79 51.85
N ILE D 203 -18.22 17.94 51.00
CA ILE D 203 -17.39 17.08 50.14
C ILE D 203 -17.83 17.22 48.67
N THR D 204 -16.84 17.44 47.81
CA THR D 204 -17.01 17.72 46.38
C THR D 204 -16.02 16.90 45.53
N CYS D 205 -16.48 16.29 44.43
CA CYS D 205 -15.53 15.71 43.48
C CYS D 205 -15.21 16.72 42.40
N ASN D 206 -13.93 16.80 42.04
CA ASN D 206 -13.47 17.71 41.00
C ASN D 206 -13.05 16.91 39.79
N VAL D 207 -13.73 17.12 38.68
CA VAL D 207 -13.48 16.33 37.48
C VAL D 207 -12.89 17.17 36.33
N ALA D 208 -11.83 16.66 35.72
CA ALA D 208 -11.17 17.33 34.61
C ALA D 208 -11.19 16.44 33.38
N HIS D 209 -11.59 17.00 32.25
CA HIS D 209 -11.59 16.28 30.99
C HIS D 209 -10.85 17.08 29.94
N PRO D 210 -9.50 16.91 29.87
CA PRO D 210 -8.61 17.50 28.86
C PRO D 210 -9.22 17.74 27.49
N ALA D 211 -9.77 16.70 26.87
CA ALA D 211 -10.12 16.74 25.45
C ALA D 211 -11.27 17.69 25.12
N SER D 212 -12.07 18.01 26.13
CA SER D 212 -13.18 18.93 25.95
C SER D 212 -12.90 20.20 26.73
N SER D 213 -11.67 20.28 27.26
CA SER D 213 -11.24 21.40 28.08
C SER D 213 -12.22 21.70 29.19
N THR D 214 -12.75 20.64 29.81
CA THR D 214 -13.79 20.75 30.84
C THR D 214 -13.19 20.56 32.23
N LYS D 215 -13.62 21.38 33.17
CA LYS D 215 -13.29 21.22 34.57
C LYS D 215 -14.53 21.52 35.38
N VAL D 216 -15.09 20.50 36.04
CA VAL D 216 -16.37 20.58 36.74
C VAL D 216 -16.25 20.07 38.18
N ASP D 217 -17.01 20.69 39.09
CA ASP D 217 -17.15 20.22 40.47
C ASP D 217 -18.56 19.71 40.70
N LYS D 218 -18.69 18.68 41.56
CA LYS D 218 -20.01 18.25 42.01
C LYS D 218 -20.02 18.03 43.53
N LYS D 219 -20.67 18.97 44.23
CA LYS D 219 -20.92 18.84 45.65
C LYS D 219 -21.88 17.67 45.87
N ILE D 220 -21.58 16.87 46.90
CA ILE D 220 -22.46 15.77 47.28
C ILE D 220 -23.37 16.27 48.41
N GLU D 221 -24.65 16.40 48.09
CA GLU D 221 -25.69 16.82 49.04
C GLU D 221 -26.43 15.58 49.54
N PRO D 222 -26.77 15.54 50.84
CA PRO D 222 -27.57 14.43 51.36
C PRO D 222 -28.97 14.31 50.73
N ARG D 223 -29.53 13.10 50.77
CA ARG D 223 -30.89 12.82 50.28
C ARG D 223 -31.97 13.19 51.32
C1 ACM E . 0.92 23.34 -57.14
O ACM E . 1.24 24.37 -56.59
N ACM E . -0.23 22.71 -56.82
C2 ACM E . 1.80 22.68 -58.20
C1 GOL F . 4.96 12.90 -41.77
O1 GOL F . 5.70 13.48 -42.83
C2 GOL F . 3.46 12.80 -42.08
O2 GOL F . 2.90 14.11 -42.08
C3 GOL F . 2.78 11.98 -40.99
O3 GOL F . 3.00 10.59 -41.14
C1 GOL G . 12.22 -16.51 -27.92
O1 GOL G . 11.10 -17.24 -28.36
C2 GOL G . 12.82 -15.72 -29.08
O2 GOL G . 11.99 -14.63 -29.40
C3 GOL G . 12.93 -16.60 -30.31
O3 GOL G . 13.13 -15.77 -31.42
CL CL H . 4.71 -13.83 -11.19
C1 GOL I . -0.80 5.15 -36.29
O1 GOL I . -0.50 6.52 -36.25
C2 GOL I . -1.85 4.86 -37.35
O2 GOL I . -3.08 5.47 -37.03
C3 GOL I . -2.07 3.34 -37.39
O3 GOL I . -2.20 2.93 -38.73
C1 GOL J . 8.62 -8.45 -1.67
O1 GOL J . 9.96 -8.22 -2.08
C2 GOL J . 8.09 -7.36 -0.74
O2 GOL J . 6.76 -7.68 -0.36
C3 GOL J . 8.17 -5.97 -1.39
O3 GOL J . 7.61 -4.95 -0.59
C1 ACM K . -34.85 5.13 49.59
O ACM K . -35.18 4.01 49.23
N ACM K . -34.81 5.49 50.89
C2 ACM K . -34.48 6.22 48.60
C1 GOL L . -18.00 0.35 37.18
O1 GOL L . -19.17 0.00 37.88
C2 GOL L . -17.95 1.85 36.89
O2 GOL L . -18.29 2.07 35.53
C3 GOL L . -16.52 2.36 37.15
O3 GOL L . -15.81 2.46 35.93
C1 GOL M . 14.33 -7.19 36.76
O1 GOL M . 15.21 -6.86 37.80
C2 GOL M . 12.94 -6.69 37.13
O2 GOL M . 12.98 -5.30 37.43
C3 GOL M . 12.42 -7.46 38.33
O3 GOL M . 12.86 -6.85 39.51
C1 GOL N . -8.43 7.29 35.28
O1 GOL N . -7.19 7.92 35.02
C2 GOL N . -9.13 6.96 33.96
O2 GOL N . -8.92 7.99 33.01
C3 GOL N . -8.59 5.63 33.42
O3 GOL N . -9.66 4.75 33.12
C1 GOL O . 14.56 -15.17 7.68
O1 GOL O . 14.99 -14.07 6.92
C2 GOL O . 13.37 -15.85 7.00
O2 GOL O . 13.15 -15.30 5.72
C3 GOL O . 12.14 -15.70 7.89
O3 GOL O . 11.00 -16.18 7.22
#